data_1KJ6
#
_entry.id   1KJ6
#
_entity_poly.entity_id   1
_entity_poly.type   'polypeptide(L)'
_entity_poly.pdbx_seq_one_letter_code
;GIINTLQKYYCRVRGGRCAVLSCLPKEEQIGKCSTRGRKCCRRKK
;
_entity_poly.pdbx_strand_id   A
#
# COMPACT_ATOMS: atom_id res chain seq x y z
N GLY A 1 4.63 -18.72 -15.98
CA GLY A 1 5.61 -17.63 -16.15
C GLY A 1 6.18 -17.14 -14.82
N ILE A 2 6.78 -15.95 -14.84
CA ILE A 2 7.37 -15.38 -13.63
C ILE A 2 6.39 -14.43 -12.94
N ILE A 3 6.32 -14.52 -11.63
CA ILE A 3 5.42 -13.67 -10.84
C ILE A 3 6.15 -12.44 -10.31
N ASN A 4 5.47 -11.31 -10.32
CA ASN A 4 6.07 -10.06 -9.84
C ASN A 4 5.08 -9.28 -8.98
N THR A 5 3.84 -9.73 -8.95
CA THR A 5 2.79 -9.09 -8.17
C THR A 5 2.75 -9.63 -6.75
N LEU A 6 2.49 -8.76 -5.79
CA LEU A 6 2.42 -9.15 -4.38
C LEU A 6 1.68 -8.10 -3.56
N GLN A 7 0.57 -7.60 -4.12
CA GLN A 7 -0.23 -6.59 -3.43
C GLN A 7 -0.85 -7.15 -2.16
N LYS A 8 -0.62 -8.44 -1.91
CA LYS A 8 -1.14 -9.10 -0.72
C LYS A 8 -0.27 -8.83 0.49
N TYR A 9 0.94 -8.35 0.24
CA TYR A 9 1.89 -8.05 1.31
C TYR A 9 2.90 -6.99 0.87
N TYR A 10 2.54 -6.22 -0.15
CA TYR A 10 3.41 -5.18 -0.65
C TYR A 10 3.67 -4.13 0.43
N CYS A 11 2.67 -3.94 1.30
CA CYS A 11 2.79 -2.99 2.38
C CYS A 11 3.28 -3.70 3.65
N ARG A 12 3.35 -5.02 3.57
CA ARG A 12 3.79 -5.83 4.70
C ARG A 12 5.29 -6.13 4.57
N VAL A 13 5.82 -6.00 3.36
CA VAL A 13 7.22 -6.27 3.10
C VAL A 13 8.08 -5.01 3.32
N ARG A 14 7.49 -3.85 3.04
CA ARG A 14 8.21 -2.59 3.20
C ARG A 14 7.27 -1.41 2.94
N GLY A 15 6.02 -1.56 3.35
CA GLY A 15 5.05 -0.50 3.15
C GLY A 15 5.33 0.73 4.00
N GLY A 16 4.27 1.40 4.42
CA GLY A 16 4.42 2.60 5.24
C GLY A 16 3.28 2.79 6.21
N ARG A 17 2.32 3.63 5.83
CA ARG A 17 1.16 3.91 6.68
C ARG A 17 -0.11 3.31 6.06
N CYS A 18 -1.21 3.40 6.81
CA CYS A 18 -2.48 2.86 6.35
C CYS A 18 -3.59 3.90 6.48
N ALA A 19 -4.46 3.97 5.48
CA ALA A 19 -5.57 4.92 5.50
C ALA A 19 -6.86 4.21 5.92
N VAL A 20 -7.83 5.00 6.38
CA VAL A 20 -9.10 4.44 6.83
C VAL A 20 -10.04 4.21 5.65
N LEU A 21 -10.03 5.13 4.69
CA LEU A 21 -10.88 5.03 3.52
C LEU A 21 -10.07 5.24 2.25
N SER A 22 -9.61 6.46 2.04
CA SER A 22 -8.80 6.80 0.87
C SER A 22 -7.37 7.13 1.28
N CYS A 23 -6.42 6.82 0.41
CA CYS A 23 -5.02 7.09 0.68
C CYS A 23 -4.77 8.57 0.91
N LEU A 24 -3.54 8.91 1.30
CA LEU A 24 -3.19 10.30 1.54
C LEU A 24 -2.62 10.94 0.28
N PRO A 25 -2.97 12.22 0.01
CA PRO A 25 -2.50 12.94 -1.18
C PRO A 25 -0.97 13.07 -1.23
N LYS A 26 -0.32 12.89 -0.09
CA LYS A 26 1.13 13.01 -0.01
C LYS A 26 1.81 11.64 -0.18
N GLU A 27 1.02 10.63 -0.51
CA GLU A 27 1.56 9.28 -0.69
C GLU A 27 0.76 8.47 -1.71
N GLU A 28 1.43 7.51 -2.33
CA GLU A 28 0.79 6.65 -3.32
C GLU A 28 0.42 5.32 -2.69
N GLN A 29 -0.44 4.55 -3.36
CA GLN A 29 -0.86 3.27 -2.84
C GLN A 29 0.04 2.15 -3.35
N ILE A 30 0.39 1.23 -2.45
CA ILE A 30 1.26 0.11 -2.80
C ILE A 30 0.55 -1.23 -2.58
N GLY A 31 -0.47 -1.22 -1.73
CA GLY A 31 -1.22 -2.43 -1.45
C GLY A 31 -2.32 -2.22 -0.44
N LYS A 32 -3.02 -3.29 -0.09
CA LYS A 32 -4.11 -3.20 0.87
C LYS A 32 -3.57 -3.26 2.30
N CYS A 33 -4.01 -2.32 3.12
CA CYS A 33 -3.55 -2.26 4.51
C CYS A 33 -4.57 -2.92 5.44
N SER A 34 -5.55 -3.59 4.87
CA SER A 34 -6.58 -4.26 5.67
C SER A 34 -7.13 -5.48 4.92
N THR A 35 -8.27 -5.29 4.25
CA THR A 35 -8.89 -6.38 3.50
C THR A 35 -10.07 -5.87 2.66
N ARG A 36 -10.69 -4.79 3.11
CA ARG A 36 -11.83 -4.22 2.40
C ARG A 36 -12.17 -2.82 2.92
N GLY A 37 -11.88 -1.81 2.11
CA GLY A 37 -12.19 -0.44 2.49
C GLY A 37 -10.97 0.36 2.88
N ARG A 38 -9.81 -0.31 2.97
CA ARG A 38 -8.58 0.37 3.34
C ARG A 38 -7.46 0.07 2.35
N LYS A 39 -6.39 0.89 2.40
CA LYS A 39 -5.24 0.71 1.52
C LYS A 39 -3.97 1.21 2.20
N CYS A 40 -2.83 1.02 1.54
CA CYS A 40 -1.55 1.44 2.08
C CYS A 40 -0.95 2.58 1.25
N CYS A 41 -0.42 3.58 1.95
CA CYS A 41 0.18 4.73 1.28
C CYS A 41 1.63 4.94 1.71
N ARG A 42 2.48 5.30 0.75
CA ARG A 42 3.88 5.54 1.02
C ARG A 42 4.28 6.94 0.55
N ARG A 43 4.75 7.77 1.48
CA ARG A 43 5.16 9.13 1.18
C ARG A 43 6.11 9.18 -0.02
N LYS A 44 5.82 10.09 -0.94
CA LYS A 44 6.65 10.24 -2.14
C LYS A 44 8.04 10.77 -1.77
N LYS A 45 9.07 10.18 -2.38
CA LYS A 45 10.44 10.58 -2.12
C LYS A 45 11.00 11.42 -3.27
N GLY A 1 -0.90 15.66 17.77
CA GLY A 1 0.04 14.87 16.93
C GLY A 1 0.08 15.36 15.49
N ILE A 2 1.20 15.11 14.82
CA ILE A 2 1.36 15.53 13.44
C ILE A 2 1.66 14.33 12.53
N ILE A 3 0.90 14.20 11.45
CA ILE A 3 1.07 13.10 10.51
C ILE A 3 1.54 13.62 9.15
N ASN A 4 2.77 13.25 8.79
CA ASN A 4 3.33 13.68 7.51
C ASN A 4 3.38 12.52 6.52
N THR A 5 2.28 11.80 6.43
CA THR A 5 2.17 10.66 5.51
C THR A 5 0.81 10.60 4.85
N LEU A 6 0.79 10.21 3.58
CA LEU A 6 -0.46 10.11 2.82
C LEU A 6 -0.81 8.65 2.55
N GLN A 7 -0.66 7.81 3.56
CA GLN A 7 -0.98 6.39 3.42
C GLN A 7 -2.46 6.18 3.16
N LYS A 8 -3.22 7.28 3.20
CA LYS A 8 -4.66 7.22 2.98
C LYS A 8 -4.99 7.19 1.49
N TYR A 9 -4.02 7.54 0.66
CA TYR A 9 -4.23 7.55 -0.80
C TYR A 9 -2.93 7.38 -1.55
N TYR A 10 -1.95 6.71 -0.94
CA TYR A 10 -0.67 6.49 -1.59
C TYR A 10 -0.81 5.45 -2.70
N CYS A 11 -1.67 4.46 -2.47
CA CYS A 11 -1.92 3.40 -3.44
C CYS A 11 -2.92 3.89 -4.48
N ARG A 12 -3.43 5.10 -4.27
CA ARG A 12 -4.39 5.70 -5.16
C ARG A 12 -3.69 6.54 -6.24
N VAL A 13 -2.54 7.09 -5.87
CA VAL A 13 -1.77 7.92 -6.80
C VAL A 13 -0.86 7.06 -7.68
N ARG A 14 -0.44 5.92 -7.15
CA ARG A 14 0.44 5.01 -7.88
C ARG A 14 0.55 3.66 -7.18
N GLY A 15 -0.59 3.07 -6.88
CA GLY A 15 -0.61 1.78 -6.20
C GLY A 15 -0.50 0.61 -7.16
N GLY A 16 0.51 -0.22 -6.95
CA GLY A 16 0.71 -1.38 -7.80
C GLY A 16 -0.45 -2.35 -7.72
N ARG A 17 -0.43 -3.20 -6.70
CA ARG A 17 -1.50 -4.18 -6.49
C ARG A 17 -1.98 -4.15 -5.05
N CYS A 18 -3.18 -4.67 -4.81
CA CYS A 18 -3.75 -4.69 -3.47
C CYS A 18 -4.08 -6.11 -3.03
N ALA A 19 -3.73 -6.45 -1.80
CA ALA A 19 -4.00 -7.78 -1.26
C ALA A 19 -5.24 -7.76 -0.38
N VAL A 20 -5.90 -8.90 -0.26
CA VAL A 20 -7.11 -9.01 0.54
C VAL A 20 -6.79 -9.20 2.02
N LEU A 21 -5.64 -9.81 2.31
CA LEU A 21 -5.23 -10.05 3.69
C LEU A 21 -3.99 -9.24 4.03
N SER A 22 -2.83 -9.75 3.61
CA SER A 22 -1.57 -9.07 3.88
C SER A 22 -0.73 -8.97 2.61
N CYS A 23 0.26 -8.09 2.64
CA CYS A 23 1.15 -7.87 1.51
C CYS A 23 1.66 -9.20 0.95
N LEU A 24 2.17 -9.16 -0.27
CA LEU A 24 2.69 -10.37 -0.91
C LEU A 24 4.17 -10.56 -0.56
N PRO A 25 4.63 -11.83 -0.50
CA PRO A 25 6.03 -12.14 -0.16
C PRO A 25 7.01 -11.76 -1.27
N LYS A 26 6.62 -10.80 -2.11
CA LYS A 26 7.48 -10.36 -3.21
C LYS A 26 7.29 -8.87 -3.48
N GLU A 27 6.78 -8.15 -2.47
CA GLU A 27 6.55 -6.72 -2.62
C GLU A 27 6.50 -6.02 -1.26
N GLU A 28 6.62 -4.69 -1.29
CA GLU A 28 6.57 -3.88 -0.08
C GLU A 28 5.27 -3.08 -0.04
N GLN A 29 4.89 -2.59 1.14
CA GLN A 29 3.66 -1.82 1.26
C GLN A 29 3.89 -0.34 1.00
N ILE A 30 2.91 0.29 0.35
CA ILE A 30 2.99 1.71 0.02
C ILE A 30 1.87 2.49 0.69
N GLY A 31 0.78 1.79 1.01
CA GLY A 31 -0.35 2.42 1.65
C GLY A 31 -1.48 1.45 1.94
N LYS A 32 -2.71 1.96 1.95
CA LYS A 32 -3.88 1.13 2.21
C LYS A 32 -4.86 1.21 1.05
N CYS A 33 -5.07 0.08 0.37
CA CYS A 33 -5.99 0.03 -0.76
C CYS A 33 -7.44 0.03 -0.29
N SER A 34 -7.63 -0.07 1.02
CA SER A 34 -8.98 -0.07 1.59
C SER A 34 -8.94 0.27 3.07
N THR A 35 -10.12 0.33 3.70
CA THR A 35 -10.22 0.64 5.11
C THR A 35 -10.79 -0.53 5.90
N ARG A 36 -11.13 -1.60 5.20
CA ARG A 36 -11.69 -2.79 5.84
C ARG A 36 -10.59 -3.65 6.45
N GLY A 37 -9.35 -3.24 6.24
CA GLY A 37 -8.23 -4.00 6.79
C GLY A 37 -7.35 -4.58 5.69
N ARG A 38 -7.02 -3.77 4.70
CA ARG A 38 -6.19 -4.22 3.59
C ARG A 38 -4.97 -3.30 3.43
N LYS A 39 -4.09 -3.66 2.49
CA LYS A 39 -2.88 -2.87 2.24
C LYS A 39 -2.47 -2.99 0.77
N CYS A 40 -1.64 -2.04 0.32
CA CYS A 40 -1.16 -2.03 -1.06
C CYS A 40 0.30 -2.42 -1.13
N CYS A 41 0.62 -3.35 -2.03
CA CYS A 41 2.00 -3.80 -2.19
C CYS A 41 2.48 -3.61 -3.63
N ARG A 42 3.76 -3.27 -3.77
CA ARG A 42 4.39 -3.07 -5.07
C ARG A 42 5.66 -3.89 -5.17
N ARG A 43 5.74 -4.73 -6.20
CA ARG A 43 6.90 -5.60 -6.42
C ARG A 43 8.21 -4.89 -6.10
N LYS A 44 9.05 -5.55 -5.32
CA LYS A 44 10.34 -5.01 -4.92
C LYS A 44 11.48 -5.71 -5.63
N LYS A 45 12.68 -5.14 -5.53
CA LYS A 45 13.87 -5.70 -6.15
C LYS A 45 14.92 -6.04 -5.11
N GLY A 1 -2.46 19.50 15.84
CA GLY A 1 -3.63 18.79 15.24
C GLY A 1 -3.54 18.72 13.73
N ILE A 2 -2.42 18.22 13.23
CA ILE A 2 -2.21 18.10 11.79
C ILE A 2 -1.69 16.72 11.42
N ILE A 3 -2.21 16.15 10.34
CA ILE A 3 -1.80 14.83 9.88
C ILE A 3 -0.49 14.91 9.12
N ASN A 4 0.37 13.90 9.31
CA ASN A 4 1.67 13.86 8.63
C ASN A 4 1.68 12.78 7.55
N THR A 5 1.25 11.58 7.90
CA THR A 5 1.22 10.47 6.96
C THR A 5 0.07 10.61 5.97
N LEU A 6 0.14 9.85 4.88
CA LEU A 6 -0.90 9.89 3.86
C LEU A 6 -1.41 8.47 3.56
N GLN A 7 -1.51 7.66 4.61
CA GLN A 7 -1.99 6.30 4.46
C GLN A 7 -3.45 6.27 4.02
N LYS A 8 -4.03 7.46 3.85
CA LYS A 8 -5.42 7.58 3.41
C LYS A 8 -5.51 7.50 1.90
N TYR A 9 -4.38 7.73 1.23
CA TYR A 9 -4.34 7.68 -0.23
C TYR A 9 -2.92 7.40 -0.73
N TYR A 10 -2.19 6.58 0.01
CA TYR A 10 -0.82 6.24 -0.37
C TYR A 10 -0.81 5.31 -1.58
N CYS A 11 -1.76 4.37 -1.61
CA CYS A 11 -1.87 3.43 -2.72
C CYS A 11 -2.64 4.06 -3.87
N ARG A 12 -2.84 5.37 -3.81
CA ARG A 12 -3.57 6.10 -4.84
C ARG A 12 -2.63 7.03 -5.61
N VAL A 13 -1.61 7.54 -4.93
CA VAL A 13 -0.66 8.44 -5.56
C VAL A 13 0.43 7.68 -6.31
N ARG A 14 0.85 6.55 -5.75
CA ARG A 14 1.89 5.74 -6.38
C ARG A 14 1.74 4.27 -5.99
N GLY A 15 0.51 3.87 -5.67
CA GLY A 15 0.26 2.49 -5.29
C GLY A 15 0.50 1.52 -6.42
N GLY A 16 1.47 0.63 -6.25
CA GLY A 16 1.78 -0.35 -7.28
C GLY A 16 0.65 -1.34 -7.48
N ARG A 17 0.56 -2.32 -6.60
CA ARG A 17 -0.48 -3.35 -6.69
C ARG A 17 -1.17 -3.54 -5.34
N CYS A 18 -2.23 -4.33 -5.34
CA CYS A 18 -2.98 -4.62 -4.12
C CYS A 18 -3.28 -6.11 -4.00
N ALA A 19 -3.20 -6.63 -2.78
CA ALA A 19 -3.46 -8.04 -2.54
C ALA A 19 -4.85 -8.25 -1.93
N VAL A 20 -5.29 -9.51 -1.89
CA VAL A 20 -6.59 -9.83 -1.33
C VAL A 20 -6.54 -9.93 0.19
N LEU A 21 -5.51 -10.58 0.70
CA LEU A 21 -5.34 -10.75 2.15
C LEU A 21 -4.03 -10.13 2.62
N SER A 22 -2.92 -10.76 2.25
CA SER A 22 -1.60 -10.28 2.62
C SER A 22 -0.79 -9.90 1.39
N CYS A 23 0.12 -8.95 1.55
CA CYS A 23 0.96 -8.49 0.45
C CYS A 23 1.81 -9.64 -0.09
N LEU A 24 2.53 -9.37 -1.17
CA LEU A 24 3.38 -10.39 -1.79
C LEU A 24 4.80 -10.35 -1.22
N PRO A 25 5.53 -11.48 -1.25
CA PRO A 25 6.89 -11.55 -0.74
C PRO A 25 7.91 -10.80 -1.59
N LYS A 26 7.53 -10.53 -2.85
CA LYS A 26 8.41 -9.83 -3.76
C LYS A 26 8.12 -8.33 -3.79
N GLU A 27 7.31 -7.86 -2.83
CA GLU A 27 6.97 -6.45 -2.76
C GLU A 27 6.67 -6.01 -1.33
N GLU A 28 7.03 -4.77 -1.00
CA GLU A 28 6.80 -4.23 0.33
C GLU A 28 5.49 -3.46 0.37
N GLN A 29 4.98 -3.19 1.57
CA GLN A 29 3.72 -2.46 1.71
C GLN A 29 3.97 -0.97 1.82
N ILE A 30 3.15 -0.19 1.11
CA ILE A 30 3.26 1.27 1.11
C ILE A 30 1.97 1.93 1.59
N GLY A 31 0.87 1.18 1.55
CA GLY A 31 -0.40 1.73 1.98
C GLY A 31 -1.46 0.67 2.20
N LYS A 32 -2.71 1.09 2.36
CA LYS A 32 -3.81 0.18 2.59
C LYS A 32 -4.74 0.13 1.36
N CYS A 33 -4.83 -1.04 0.75
CA CYS A 33 -5.67 -1.22 -0.43
C CYS A 33 -7.14 -1.17 -0.06
N SER A 34 -7.46 -1.60 1.17
CA SER A 34 -8.83 -1.60 1.64
C SER A 34 -8.89 -1.83 3.15
N THR A 35 -9.95 -1.34 3.78
CA THR A 35 -10.12 -1.49 5.23
C THR A 35 -10.79 -2.82 5.57
N ARG A 36 -10.88 -3.70 4.59
CA ARG A 36 -11.50 -5.01 4.78
C ARG A 36 -10.43 -6.08 5.03
N GLY A 37 -9.19 -5.75 4.71
CA GLY A 37 -8.10 -6.70 4.90
C GLY A 37 -7.18 -6.77 3.70
N ARG A 38 -6.85 -5.61 3.13
CA ARG A 38 -5.97 -5.55 1.98
C ARG A 38 -4.84 -4.55 2.21
N LYS A 39 -3.83 -4.60 1.35
CA LYS A 39 -2.68 -3.69 1.46
C LYS A 39 -2.09 -3.42 0.09
N CYS A 40 -1.22 -2.41 0.01
CA CYS A 40 -0.58 -2.05 -1.24
C CYS A 40 0.88 -2.50 -1.26
N CYS A 41 1.24 -3.29 -2.27
CA CYS A 41 2.61 -3.79 -2.39
C CYS A 41 3.32 -3.19 -3.59
N ARG A 42 4.61 -2.95 -3.43
CA ARG A 42 5.43 -2.38 -4.49
C ARG A 42 6.63 -3.28 -4.77
N ARG A 43 6.68 -3.85 -5.96
CA ARG A 43 7.77 -4.75 -6.33
C ARG A 43 9.12 -4.07 -6.14
N LYS A 44 10.03 -4.77 -5.47
CA LYS A 44 11.37 -4.24 -5.20
C LYS A 44 12.09 -3.88 -6.50
N LYS A 45 13.20 -3.16 -6.36
CA LYS A 45 13.98 -2.74 -7.52
C LYS A 45 15.44 -3.16 -7.37
N GLY A 1 7.70 -22.20 -2.15
CA GLY A 1 7.79 -22.02 -3.62
C GLY A 1 6.49 -21.48 -4.21
N ILE A 2 5.75 -20.73 -3.41
CA ILE A 2 4.48 -20.16 -3.86
C ILE A 2 4.27 -18.76 -3.27
N ILE A 3 3.43 -17.97 -3.93
CA ILE A 3 3.13 -16.62 -3.47
C ILE A 3 2.08 -16.65 -2.37
N ASN A 4 2.36 -15.93 -1.29
CA ASN A 4 1.43 -15.87 -0.16
C ASN A 4 0.69 -14.55 -0.12
N THR A 5 1.41 -13.45 -0.35
CA THR A 5 0.83 -12.12 -0.36
C THR A 5 1.21 -11.35 -1.61
N LEU A 6 0.25 -10.62 -2.17
CA LEU A 6 0.49 -9.85 -3.38
C LEU A 6 0.89 -8.42 -3.04
N GLN A 7 1.86 -8.29 -2.15
CA GLN A 7 2.36 -6.97 -1.74
C GLN A 7 3.06 -6.28 -2.89
N LYS A 8 3.20 -7.01 -4.00
CA LYS A 8 3.87 -6.46 -5.19
C LYS A 8 2.90 -5.64 -6.03
N TYR A 9 1.61 -5.83 -5.81
CA TYR A 9 0.59 -5.09 -6.54
C TYR A 9 -0.71 -5.00 -5.77
N TYR A 10 -0.61 -4.99 -4.44
CA TYR A 10 -1.79 -4.89 -3.59
C TYR A 10 -2.38 -3.49 -3.65
N CYS A 11 -1.60 -2.55 -4.19
CA CYS A 11 -2.03 -1.17 -4.32
C CYS A 11 -2.39 -0.85 -5.76
N ARG A 12 -2.05 -1.76 -6.67
CA ARG A 12 -2.33 -1.58 -8.09
C ARG A 12 -3.68 -2.17 -8.46
N VAL A 13 -4.31 -2.86 -7.50
CA VAL A 13 -5.60 -3.48 -7.73
C VAL A 13 -6.73 -2.68 -7.10
N ARG A 14 -6.42 -1.99 -6.00
CA ARG A 14 -7.41 -1.18 -5.31
C ARG A 14 -6.73 -0.28 -4.28
N GLY A 15 -5.46 0.03 -4.53
CA GLY A 15 -4.70 0.87 -3.62
C GLY A 15 -5.33 2.23 -3.42
N GLY A 16 -5.10 2.82 -2.24
CA GLY A 16 -5.65 4.12 -1.94
C GLY A 16 -4.73 5.25 -2.36
N ARG A 17 -4.00 5.81 -1.40
CA ARG A 17 -3.08 6.91 -1.68
C ARG A 17 -1.63 6.44 -1.55
N CYS A 18 -0.70 7.36 -1.80
CA CYS A 18 0.72 7.04 -1.71
C CYS A 18 1.46 8.04 -0.81
N ALA A 19 2.37 7.52 0.00
CA ALA A 19 3.16 8.36 0.89
C ALA A 19 4.55 8.58 0.34
N VAL A 20 5.24 9.61 0.82
CA VAL A 20 6.58 9.93 0.35
C VAL A 20 7.63 9.06 1.03
N LEU A 21 7.45 8.85 2.33
CA LEU A 21 8.38 8.04 3.11
C LEU A 21 7.61 7.04 3.98
N SER A 22 6.78 7.58 4.87
CA SER A 22 5.98 6.75 5.76
C SER A 22 4.49 6.97 5.50
N CYS A 23 3.70 5.91 5.62
CA CYS A 23 2.26 6.01 5.38
C CYS A 23 1.62 7.04 6.31
N LEU A 24 0.33 7.30 6.10
CA LEU A 24 -0.38 8.28 6.92
C LEU A 24 -1.03 7.59 8.13
N PRO A 25 -1.12 8.30 9.26
CA PRO A 25 -1.70 7.76 10.50
C PRO A 25 -3.18 7.43 10.36
N LYS A 26 -3.84 8.02 9.38
CA LYS A 26 -5.27 7.79 9.16
C LYS A 26 -5.50 6.67 8.15
N GLU A 27 -4.43 6.05 7.68
CA GLU A 27 -4.55 4.95 6.72
C GLU A 27 -3.47 3.89 6.95
N GLU A 28 -3.87 2.63 6.84
CA GLU A 28 -2.95 1.51 7.02
C GLU A 28 -2.24 1.19 5.71
N GLN A 29 -1.17 0.41 5.80
CA GLN A 29 -0.42 0.05 4.59
C GLN A 29 -0.96 -1.24 3.99
N ILE A 30 -1.09 -1.24 2.67
CA ILE A 30 -1.61 -2.40 1.95
C ILE A 30 -0.54 -2.99 1.03
N GLY A 31 0.44 -2.17 0.66
CA GLY A 31 1.50 -2.63 -0.21
C GLY A 31 2.49 -1.53 -0.54
N LYS A 32 3.08 -1.61 -1.73
CA LYS A 32 4.06 -0.62 -2.18
C LYS A 32 3.47 0.23 -3.29
N CYS A 33 2.99 1.42 -2.93
CA CYS A 33 2.39 2.33 -3.89
C CYS A 33 3.30 2.55 -5.09
N SER A 34 4.26 3.45 -4.96
CA SER A 34 5.19 3.74 -6.05
C SER A 34 6.34 2.73 -6.05
N THR A 35 7.42 3.07 -6.75
CA THR A 35 8.58 2.20 -6.84
C THR A 35 9.19 1.94 -5.46
N ARG A 36 10.13 1.01 -5.40
CA ARG A 36 10.78 0.66 -4.14
C ARG A 36 11.25 1.90 -3.39
N GLY A 37 10.59 2.21 -2.29
CA GLY A 37 10.94 3.37 -1.50
C GLY A 37 9.74 3.99 -0.83
N ARG A 38 8.56 3.79 -1.40
CA ARG A 38 7.32 4.33 -0.86
C ARG A 38 6.38 3.20 -0.43
N LYS A 39 5.18 3.56 0.00
CA LYS A 39 4.20 2.59 0.44
C LYS A 39 2.78 3.06 0.13
N CYS A 40 1.83 2.14 0.20
CA CYS A 40 0.43 2.46 -0.10
C CYS A 40 -0.41 2.48 1.19
N CYS A 41 -1.20 3.53 1.35
CA CYS A 41 -2.06 3.67 2.52
C CYS A 41 -3.53 3.60 2.15
N ARG A 42 -4.34 3.01 3.03
CA ARG A 42 -5.77 2.88 2.82
C ARG A 42 -6.53 3.54 3.96
N ARG A 43 -7.19 4.66 3.65
CA ARG A 43 -7.94 5.40 4.64
C ARG A 43 -9.05 4.55 5.26
N LYS A 44 -9.12 4.56 6.58
CA LYS A 44 -10.13 3.79 7.30
C LYS A 44 -10.79 4.63 8.39
N LYS A 45 -12.03 4.28 8.73
CA LYS A 45 -12.76 5.01 9.76
C LYS A 45 -13.38 4.04 10.76
N GLY A 1 -1.66 16.19 4.98
CA GLY A 1 -2.53 15.93 6.15
C GLY A 1 -3.55 14.83 5.89
N ILE A 2 -4.73 14.97 6.50
CA ILE A 2 -5.80 13.99 6.34
C ILE A 2 -6.51 14.17 5.01
N ILE A 3 -7.03 13.07 4.46
CA ILE A 3 -7.74 13.11 3.18
C ILE A 3 -9.14 12.52 3.31
N ASN A 4 -9.82 12.37 2.18
CA ASN A 4 -11.17 11.83 2.16
C ASN A 4 -11.15 10.32 2.39
N THR A 5 -9.95 9.77 2.55
CA THR A 5 -9.79 8.34 2.78
C THR A 5 -8.73 8.09 3.86
N LEU A 6 -8.19 6.88 3.88
CA LEU A 6 -7.16 6.53 4.87
C LEU A 6 -5.98 5.86 4.19
N GLN A 7 -5.55 6.42 3.06
CA GLN A 7 -4.42 5.88 2.31
C GLN A 7 -3.12 6.02 3.10
N LYS A 8 -3.19 6.66 4.25
CA LYS A 8 -2.01 6.86 5.09
C LYS A 8 -1.75 5.62 5.94
N TYR A 9 -2.73 4.72 5.99
CA TYR A 9 -2.60 3.49 6.75
C TYR A 9 -3.52 2.42 6.19
N TYR A 10 -3.97 2.62 4.96
CA TYR A 10 -4.86 1.66 4.31
C TYR A 10 -4.19 0.31 4.18
N CYS A 11 -2.87 0.34 4.00
CA CYS A 11 -2.08 -0.89 3.88
C CYS A 11 -1.60 -1.33 5.26
N ARG A 12 -1.76 -0.43 6.23
CA ARG A 12 -1.35 -0.71 7.60
C ARG A 12 -2.45 -1.48 8.34
N VAL A 13 -3.69 -1.35 7.85
CA VAL A 13 -4.82 -2.03 8.46
C VAL A 13 -5.05 -3.40 7.82
N ARG A 14 -4.96 -3.46 6.50
CA ARG A 14 -5.15 -4.71 5.77
C ARG A 14 -4.38 -4.69 4.45
N GLY A 15 -3.06 -4.56 4.54
CA GLY A 15 -2.24 -4.53 3.35
C GLY A 15 -1.34 -5.74 3.22
N GLY A 16 -0.03 -5.52 3.26
CA GLY A 16 0.92 -6.61 3.15
C GLY A 16 2.37 -6.14 3.20
N ARG A 17 2.98 -6.01 2.02
CA ARG A 17 4.37 -5.57 1.94
C ARG A 17 4.46 -4.22 1.24
N CYS A 18 5.68 -3.68 1.17
CA CYS A 18 5.90 -2.39 0.53
C CYS A 18 7.03 -2.48 -0.49
N ALA A 19 6.83 -1.87 -1.66
CA ALA A 19 7.84 -1.89 -2.71
C ALA A 19 8.61 -0.58 -2.73
N VAL A 20 9.81 -0.61 -3.29
CA VAL A 20 10.67 0.57 -3.38
C VAL A 20 10.28 1.44 -4.57
N LEU A 21 9.76 0.82 -5.62
CA LEU A 21 9.37 1.54 -6.82
C LEU A 21 7.95 1.17 -7.23
N SER A 22 7.80 0.03 -7.90
CA SER A 22 6.49 -0.43 -8.36
C SER A 22 6.05 -1.65 -7.58
N CYS A 23 4.74 -1.86 -7.53
CA CYS A 23 4.15 -3.00 -6.83
C CYS A 23 4.74 -4.32 -7.33
N LEU A 24 4.40 -5.41 -6.65
CA LEU A 24 4.89 -6.72 -7.04
C LEU A 24 3.90 -7.39 -8.00
N PRO A 25 4.40 -8.25 -8.91
CA PRO A 25 3.56 -8.94 -9.88
C PRO A 25 2.74 -10.07 -9.27
N LYS A 26 2.43 -9.95 -7.99
CA LYS A 26 1.65 -10.97 -7.28
C LYS A 26 0.76 -10.34 -6.21
N GLU A 27 0.66 -9.01 -6.23
CA GLU A 27 -0.16 -8.30 -5.24
C GLU A 27 -0.76 -7.03 -5.82
N GLU A 28 -1.76 -6.50 -5.12
CA GLU A 28 -2.43 -5.26 -5.52
C GLU A 28 -2.05 -4.13 -4.58
N GLN A 29 -2.25 -2.89 -5.01
CA GLN A 29 -1.91 -1.74 -4.19
C GLN A 29 -3.08 -1.32 -3.30
N ILE A 30 -2.76 -0.96 -2.07
CA ILE A 30 -3.76 -0.54 -1.11
C ILE A 30 -3.53 0.91 -0.69
N GLY A 31 -2.26 1.33 -0.75
CA GLY A 31 -1.92 2.69 -0.38
C GLY A 31 -0.42 2.90 -0.33
N LYS A 32 0.00 4.17 -0.17
CA LYS A 32 1.42 4.49 -0.11
C LYS A 32 2.03 4.06 1.21
N CYS A 33 3.11 3.29 1.13
CA CYS A 33 3.78 2.80 2.34
C CYS A 33 4.85 3.79 2.80
N SER A 34 4.83 4.99 2.23
CA SER A 34 5.79 6.03 2.59
C SER A 34 5.28 7.41 2.20
N THR A 35 6.16 8.39 2.22
CA THR A 35 5.80 9.77 1.86
C THR A 35 6.56 10.25 0.63
N ARG A 36 7.66 9.56 0.33
CA ARG A 36 8.48 9.92 -0.83
C ARG A 36 7.79 9.54 -2.13
N GLY A 37 7.87 8.25 -2.49
CA GLY A 37 7.26 7.78 -3.71
C GLY A 37 7.21 6.27 -3.79
N ARG A 38 6.58 5.64 -2.80
CA ARG A 38 6.48 4.19 -2.76
C ARG A 38 5.02 3.76 -2.75
N LYS A 39 4.79 2.44 -2.66
CA LYS A 39 3.44 1.89 -2.65
C LYS A 39 3.39 0.61 -1.83
N CYS A 40 2.19 0.23 -1.40
CA CYS A 40 1.99 -0.97 -0.61
C CYS A 40 1.20 -2.01 -1.39
N CYS A 41 1.69 -3.24 -1.42
CA CYS A 41 1.02 -4.30 -2.14
C CYS A 41 0.64 -5.47 -1.24
N ARG A 42 -0.58 -5.98 -1.40
CA ARG A 42 -1.08 -7.10 -0.62
C ARG A 42 -1.26 -8.32 -1.50
N ARG A 43 -0.51 -9.38 -1.21
CA ARG A 43 -0.59 -10.62 -1.99
C ARG A 43 -2.04 -11.05 -2.20
N LYS A 44 -2.34 -11.47 -3.42
CA LYS A 44 -3.70 -11.91 -3.76
C LYS A 44 -4.13 -13.09 -2.90
N LYS A 45 -5.44 -13.32 -2.83
CA LYS A 45 -6.00 -14.41 -2.04
C LYS A 45 -5.50 -15.76 -2.55
N GLY A 1 -4.05 21.39 8.71
CA GLY A 1 -2.73 22.07 8.66
C GLY A 1 -1.57 21.10 8.59
N ILE A 2 -1.78 19.89 9.12
CA ILE A 2 -0.75 18.87 9.12
C ILE A 2 -1.34 17.49 9.38
N ILE A 3 -0.75 16.47 8.76
CA ILE A 3 -1.22 15.09 8.93
C ILE A 3 -0.07 14.15 9.28
N ASN A 4 -0.37 13.12 10.06
CA ASN A 4 0.62 12.14 10.46
C ASN A 4 0.94 11.18 9.31
N THR A 5 -0.10 10.56 8.78
CA THR A 5 0.06 9.62 7.67
C THR A 5 -1.22 9.55 6.83
N LEU A 6 -1.09 9.12 5.58
CA LEU A 6 -2.24 9.00 4.70
C LEU A 6 -2.39 7.58 4.17
N GLN A 7 -2.21 6.61 5.06
CA GLN A 7 -2.34 5.21 4.68
C GLN A 7 -3.78 4.86 4.31
N LYS A 8 -4.66 5.85 4.44
CA LYS A 8 -6.07 5.65 4.12
C LYS A 8 -6.31 5.81 2.62
N TYR A 9 -5.33 6.38 1.92
CA TYR A 9 -5.42 6.59 0.49
C TYR A 9 -4.04 6.67 -0.14
N TYR A 10 -3.06 6.06 0.53
CA TYR A 10 -1.68 6.05 0.05
C TYR A 10 -1.59 5.39 -1.32
N CYS A 11 -2.50 4.44 -1.57
CA CYS A 11 -2.53 3.72 -2.83
C CYS A 11 -3.33 4.50 -3.87
N ARG A 12 -4.18 5.41 -3.39
CA ARG A 12 -5.01 6.22 -4.27
C ARG A 12 -4.20 7.37 -4.86
N VAL A 13 -3.43 8.04 -4.01
CA VAL A 13 -2.60 9.16 -4.44
C VAL A 13 -1.52 8.70 -5.41
N ARG A 14 -0.99 7.50 -5.18
CA ARG A 14 0.04 6.94 -6.04
C ARG A 14 0.21 5.44 -5.79
N GLY A 15 0.79 5.10 -4.64
CA GLY A 15 0.99 3.71 -4.28
C GLY A 15 1.78 2.95 -5.34
N GLY A 16 1.27 1.79 -5.74
CA GLY A 16 1.94 0.98 -6.73
C GLY A 16 1.04 -0.14 -7.25
N ARG A 17 1.09 -1.29 -6.58
CA ARG A 17 0.28 -2.43 -6.96
C ARG A 17 -0.52 -2.94 -5.75
N CYS A 18 -1.68 -3.54 -6.02
CA CYS A 18 -2.53 -4.06 -4.96
C CYS A 18 -2.63 -5.57 -5.02
N ALA A 19 -2.57 -6.21 -3.86
CA ALA A 19 -2.66 -7.66 -3.76
C ALA A 19 -4.08 -8.08 -3.39
N VAL A 20 -4.44 -9.31 -3.72
CA VAL A 20 -5.78 -9.82 -3.43
C VAL A 20 -5.88 -10.33 -2.00
N LEU A 21 -4.77 -10.86 -1.48
CA LEU A 21 -4.75 -11.38 -0.12
C LEU A 21 -3.54 -10.85 0.64
N SER A 22 -2.36 -11.31 0.25
CA SER A 22 -1.13 -10.89 0.89
C SER A 22 -0.22 -10.17 -0.10
N CYS A 23 0.62 -9.27 0.42
CA CYS A 23 1.55 -8.51 -0.42
C CYS A 23 2.41 -9.44 -1.26
N LEU A 24 3.17 -8.85 -2.18
CA LEU A 24 4.05 -9.64 -3.04
C LEU A 24 5.44 -9.74 -2.42
N PRO A 25 6.13 -10.88 -2.60
CA PRO A 25 7.47 -11.09 -2.04
C PRO A 25 8.56 -10.28 -2.75
N LYS A 26 8.16 -9.14 -3.33
CA LYS A 26 9.10 -8.28 -4.03
C LYS A 26 8.70 -6.81 -3.88
N GLU A 27 7.81 -6.52 -2.93
CA GLU A 27 7.35 -5.15 -2.70
C GLU A 27 7.02 -4.92 -1.23
N GLU A 28 7.13 -3.66 -0.82
CA GLU A 28 6.84 -3.27 0.56
C GLU A 28 5.44 -2.67 0.63
N GLN A 29 4.79 -2.80 1.78
CA GLN A 29 3.44 -2.27 1.95
C GLN A 29 3.46 -0.82 2.42
N ILE A 30 2.52 -0.03 1.92
CA ILE A 30 2.42 1.38 2.27
C ILE A 30 1.06 1.70 2.87
N GLY A 31 0.08 0.85 2.58
CA GLY A 31 -1.26 1.06 3.09
C GLY A 31 -2.20 -0.08 2.75
N LYS A 32 -3.46 0.04 3.18
CA LYS A 32 -4.45 -0.98 2.90
C LYS A 32 -5.20 -0.65 1.61
N CYS A 33 -5.36 -1.65 0.75
CA CYS A 33 -6.06 -1.46 -0.51
C CYS A 33 -7.57 -1.60 -0.35
N SER A 34 -7.99 -2.59 0.43
CA SER A 34 -9.41 -2.81 0.67
C SER A 34 -9.81 -2.39 2.09
N THR A 35 -9.48 -3.22 3.07
CA THR A 35 -9.80 -2.92 4.47
C THR A 35 -9.10 -3.89 5.41
N ARG A 36 -8.94 -5.14 4.96
CA ARG A 36 -8.28 -6.16 5.77
C ARG A 36 -7.94 -7.39 4.92
N GLY A 37 -8.45 -7.43 3.70
CA GLY A 37 -8.18 -8.55 2.82
C GLY A 37 -7.17 -8.22 1.75
N ARG A 38 -6.91 -6.92 1.55
CA ARG A 38 -5.96 -6.49 0.54
C ARG A 38 -4.99 -5.46 1.11
N LYS A 39 -3.94 -5.15 0.35
CA LYS A 39 -2.93 -4.18 0.77
C LYS A 39 -2.29 -3.50 -0.44
N CYS A 40 -1.47 -2.49 -0.18
CA CYS A 40 -0.78 -1.77 -1.25
C CYS A 40 0.73 -1.98 -1.16
N CYS A 41 1.28 -2.69 -2.15
CA CYS A 41 2.72 -2.95 -2.16
C CYS A 41 3.40 -2.34 -3.38
N ARG A 42 4.52 -1.66 -3.14
CA ARG A 42 5.29 -1.04 -4.20
C ARG A 42 6.66 -1.71 -4.32
N ARG A 43 7.03 -2.07 -5.55
CA ARG A 43 8.30 -2.74 -5.80
C ARG A 43 9.43 -2.11 -4.99
N LYS A 44 10.02 -2.90 -4.11
CA LYS A 44 11.12 -2.43 -3.25
C LYS A 44 12.46 -2.64 -3.93
N LYS A 45 13.46 -1.89 -3.48
CA LYS A 45 14.81 -1.99 -4.04
C LYS A 45 15.84 -2.25 -2.94
N GLY A 1 2.72 -18.39 -12.86
CA GLY A 1 2.78 -17.31 -11.83
C GLY A 1 3.51 -16.08 -12.31
N ILE A 2 2.75 -15.06 -12.70
CA ILE A 2 3.33 -13.82 -13.20
C ILE A 2 3.28 -12.73 -12.12
N ILE A 3 4.37 -11.98 -12.01
CA ILE A 3 4.47 -10.90 -11.03
C ILE A 3 5.18 -9.69 -11.60
N ASN A 4 4.90 -8.51 -11.04
CA ASN A 4 5.51 -7.28 -11.50
C ASN A 4 6.78 -6.97 -10.68
N THR A 5 6.60 -6.78 -9.38
CA THR A 5 7.71 -6.48 -8.49
C THR A 5 7.58 -7.23 -7.17
N LEU A 6 6.75 -6.70 -6.27
CA LEU A 6 6.54 -7.32 -4.96
C LEU A 6 5.35 -6.67 -4.25
N GLN A 7 4.28 -6.43 -4.99
CA GLN A 7 3.08 -5.83 -4.42
C GLN A 7 2.45 -6.74 -3.38
N LYS A 8 3.01 -7.93 -3.21
CA LYS A 8 2.50 -8.89 -2.24
C LYS A 8 3.02 -8.58 -0.85
N TYR A 9 4.06 -7.75 -0.78
CA TYR A 9 4.65 -7.35 0.50
C TYR A 9 5.35 -6.01 0.36
N TYR A 10 4.87 -5.18 -0.56
CA TYR A 10 5.43 -3.86 -0.78
C TYR A 10 5.22 -2.97 0.45
N CYS A 11 4.17 -3.28 1.21
CA CYS A 11 3.85 -2.54 2.41
C CYS A 11 4.59 -3.11 3.61
N ARG A 12 5.39 -4.14 3.35
CA ARG A 12 6.17 -4.79 4.40
C ARG A 12 7.60 -4.25 4.42
N VAL A 13 8.11 -3.91 3.24
CA VAL A 13 9.47 -3.39 3.12
C VAL A 13 9.51 -1.89 3.41
N ARG A 14 8.45 -1.18 3.02
CA ARG A 14 8.38 0.27 3.25
C ARG A 14 6.93 0.74 3.26
N GLY A 15 6.09 0.02 3.99
CA GLY A 15 4.68 0.39 4.07
C GLY A 15 4.42 1.46 5.11
N GLY A 16 4.03 2.65 4.65
CA GLY A 16 3.75 3.75 5.57
C GLY A 16 2.60 3.45 6.50
N ARG A 17 1.38 3.53 5.99
CA ARG A 17 0.19 3.26 6.78
C ARG A 17 -0.80 2.38 6.02
N CYS A 18 -1.89 2.02 6.67
CA CYS A 18 -2.92 1.18 6.04
C CYS A 18 -4.30 1.77 6.27
N ALA A 19 -5.13 1.74 5.24
CA ALA A 19 -6.48 2.28 5.33
C ALA A 19 -7.49 1.16 5.58
N VAL A 20 -8.52 1.46 6.38
CA VAL A 20 -9.55 0.49 6.70
C VAL A 20 -10.60 0.40 5.60
N LEU A 21 -10.68 1.43 4.77
CA LEU A 21 -11.64 1.47 3.67
C LEU A 21 -10.94 1.72 2.35
N SER A 22 -10.37 2.91 2.19
CA SER A 22 -9.67 3.26 0.97
C SER A 22 -8.51 4.22 1.27
N CYS A 23 -7.52 4.22 0.38
CA CYS A 23 -6.35 5.08 0.53
C CYS A 23 -6.75 6.51 0.85
N LEU A 24 -5.89 7.24 1.55
CA LEU A 24 -6.16 8.63 1.89
C LEU A 24 -5.58 9.56 0.83
N PRO A 25 -6.34 10.60 0.43
CA PRO A 25 -5.91 11.55 -0.59
C PRO A 25 -4.55 12.18 -0.28
N LYS A 26 -4.12 12.08 0.97
CA LYS A 26 -2.84 12.64 1.38
C LYS A 26 -1.73 11.59 1.35
N GLU A 27 -1.96 10.52 0.60
CA GLU A 27 -0.96 9.45 0.49
C GLU A 27 -1.11 8.66 -0.80
N GLU A 28 -0.04 7.98 -1.19
CA GLU A 28 -0.02 7.16 -2.39
C GLU A 28 0.00 5.68 -2.02
N GLN A 29 -0.58 4.84 -2.87
CA GLN A 29 -0.63 3.41 -2.58
C GLN A 29 0.63 2.71 -3.08
N ILE A 30 1.12 1.77 -2.29
CA ILE A 30 2.32 1.02 -2.62
C ILE A 30 2.03 -0.47 -2.74
N GLY A 31 0.96 -0.90 -2.08
CA GLY A 31 0.59 -2.31 -2.11
C GLY A 31 -0.75 -2.57 -1.45
N LYS A 32 -1.03 -3.83 -1.15
CA LYS A 32 -2.29 -4.20 -0.51
C LYS A 32 -2.06 -4.68 0.91
N CYS A 33 -2.51 -3.89 1.88
CA CYS A 33 -2.37 -4.23 3.29
C CYS A 33 -3.18 -5.48 3.63
N SER A 34 -4.14 -5.80 2.78
CA SER A 34 -5.00 -6.97 2.99
C SER A 34 -5.52 -7.50 1.67
N THR A 35 -5.85 -8.78 1.65
CA THR A 35 -6.37 -9.43 0.45
C THR A 35 -7.90 -9.39 0.41
N ARG A 36 -8.48 -8.51 1.22
CA ARG A 36 -9.93 -8.37 1.28
C ARG A 36 -10.39 -7.08 0.62
N GLY A 37 -10.16 -5.96 1.28
CA GLY A 37 -10.55 -4.67 0.75
C GLY A 37 -9.80 -3.51 1.38
N ARG A 38 -8.48 -3.64 1.43
CA ARG A 38 -7.64 -2.60 2.01
C ARG A 38 -6.39 -2.37 1.15
N LYS A 39 -5.65 -1.32 1.47
CA LYS A 39 -4.44 -0.97 0.73
C LYS A 39 -3.44 -0.26 1.64
N CYS A 40 -2.23 -0.07 1.12
CA CYS A 40 -1.17 0.60 1.87
C CYS A 40 -0.83 1.96 1.27
N CYS A 41 -1.05 3.02 2.04
CA CYS A 41 -0.76 4.36 1.56
C CYS A 41 0.28 5.06 2.42
N ARG A 42 1.12 5.85 1.77
CA ARG A 42 2.17 6.58 2.46
C ARG A 42 2.09 8.07 2.14
N ARG A 43 2.07 8.89 3.18
CA ARG A 43 1.99 10.34 3.03
C ARG A 43 2.87 10.83 1.88
N LYS A 44 2.39 11.81 1.14
CA LYS A 44 3.14 12.36 0.01
C LYS A 44 4.47 12.94 0.47
N LYS A 45 5.27 13.36 -0.50
CA LYS A 45 6.58 13.94 -0.22
C LYS A 45 6.81 15.20 -1.03
N GLY A 1 10.85 -13.60 -2.47
CA GLY A 1 11.40 -13.80 -1.10
C GLY A 1 10.34 -14.18 -0.10
N ILE A 2 9.12 -13.70 -0.31
CA ILE A 2 8.00 -13.99 0.58
C ILE A 2 6.67 -13.65 -0.08
N ILE A 3 5.64 -14.43 0.23
CA ILE A 3 4.31 -14.20 -0.35
C ILE A 3 3.25 -15.00 0.40
N ASN A 4 2.10 -14.37 0.63
CA ASN A 4 0.99 -15.02 1.33
C ASN A 4 -0.35 -14.60 0.73
N THR A 5 -0.72 -13.34 0.95
CA THR A 5 -1.98 -12.80 0.43
C THR A 5 -1.74 -11.96 -0.80
N LEU A 6 -2.75 -11.21 -1.21
CA LEU A 6 -2.65 -10.36 -2.39
C LEU A 6 -2.00 -9.02 -2.05
N GLN A 7 -0.88 -8.73 -2.69
CA GLN A 7 -0.16 -7.48 -2.46
C GLN A 7 0.17 -6.81 -3.79
N LYS A 8 0.06 -7.59 -4.87
CA LYS A 8 0.35 -7.08 -6.20
C LYS A 8 -0.87 -6.34 -6.75
N TYR A 9 -1.95 -6.37 -5.98
CA TYR A 9 -3.19 -5.71 -6.38
C TYR A 9 -4.01 -5.33 -5.14
N TYR A 10 -3.36 -5.33 -3.98
CA TYR A 10 -4.03 -4.98 -2.74
C TYR A 10 -4.60 -3.57 -2.82
N CYS A 11 -3.91 -2.70 -3.56
CA CYS A 11 -4.34 -1.33 -3.75
C CYS A 11 -5.29 -1.23 -4.93
N ARG A 12 -5.36 -2.31 -5.70
CA ARG A 12 -6.22 -2.37 -6.88
C ARG A 12 -7.63 -2.83 -6.50
N VAL A 13 -7.74 -3.56 -5.39
CA VAL A 13 -9.03 -4.05 -4.93
C VAL A 13 -9.73 -3.04 -4.03
N ARG A 14 -8.96 -2.32 -3.22
CA ARG A 14 -9.52 -1.32 -2.31
C ARG A 14 -8.42 -0.54 -1.59
N GLY A 15 -7.43 -0.10 -2.35
CA GLY A 15 -6.33 0.65 -1.77
C GLY A 15 -6.73 2.05 -1.35
N GLY A 16 -5.95 3.03 -1.79
CA GLY A 16 -6.25 4.41 -1.45
C GLY A 16 -5.35 5.40 -2.17
N ARG A 17 -4.32 5.87 -1.47
CA ARG A 17 -3.38 6.83 -2.05
C ARG A 17 -2.00 6.20 -2.20
N CYS A 18 -1.05 6.97 -2.73
CA CYS A 18 0.30 6.48 -2.92
C CYS A 18 1.33 7.51 -2.44
N ALA A 19 2.45 7.01 -1.92
CA ALA A 19 3.50 7.88 -1.42
C ALA A 19 4.71 7.85 -2.35
N VAL A 20 5.49 8.93 -2.34
CA VAL A 20 6.67 9.03 -3.18
C VAL A 20 7.86 8.31 -2.54
N LEU A 21 7.97 8.44 -1.23
CA LEU A 21 9.05 7.80 -0.49
C LEU A 21 8.52 7.01 0.69
N SER A 22 7.90 7.70 1.63
CA SER A 22 7.34 7.05 2.82
C SER A 22 5.83 7.27 2.89
N CYS A 23 5.10 6.27 3.39
CA CYS A 23 3.65 6.35 3.50
C CYS A 23 3.24 7.55 4.35
N LEU A 24 1.93 7.82 4.39
CA LEU A 24 1.41 8.94 5.16
C LEU A 24 1.01 8.49 6.56
N PRO A 25 1.31 9.30 7.59
CA PRO A 25 0.98 8.95 8.98
C PRO A 25 -0.52 8.74 9.20
N LYS A 26 -1.32 9.22 8.26
CA LYS A 26 -2.77 9.09 8.35
C LYS A 26 -3.26 7.84 7.61
N GLU A 27 -2.32 6.98 7.22
CA GLU A 27 -2.67 5.76 6.50
C GLU A 27 -1.60 4.68 6.66
N GLU A 28 -2.00 3.43 6.50
CA GLU A 28 -1.06 2.31 6.61
C GLU A 28 -0.71 1.78 5.21
N GLN A 29 0.37 1.00 5.12
CA GLN A 29 0.79 0.45 3.84
C GLN A 29 0.10 -0.88 3.55
N ILE A 30 -0.38 -1.02 2.32
CA ILE A 30 -1.06 -2.23 1.90
C ILE A 30 -0.41 -2.84 0.66
N GLY A 31 0.34 -2.02 -0.07
CA GLY A 31 0.99 -2.52 -1.27
C GLY A 31 2.18 -1.68 -1.70
N LYS A 32 2.73 -2.00 -2.86
CA LYS A 32 3.88 -1.27 -3.39
C LYS A 32 3.50 -0.52 -4.66
N CYS A 33 3.51 0.80 -4.58
CA CYS A 33 3.16 1.64 -5.72
C CYS A 33 4.13 1.44 -6.88
N SER A 34 5.29 0.85 -6.60
CA SER A 34 6.29 0.61 -7.63
C SER A 34 6.94 -0.77 -7.43
N THR A 35 8.12 -0.78 -6.81
CA THR A 35 8.84 -2.03 -6.56
C THR A 35 9.39 -2.06 -5.15
N ARG A 36 9.97 -0.95 -4.72
CA ARG A 36 10.54 -0.84 -3.38
C ARG A 36 10.71 0.61 -2.97
N GLY A 37 10.57 1.51 -3.94
CA GLY A 37 10.71 2.93 -3.66
C GLY A 37 9.45 3.53 -3.06
N ARG A 38 8.35 3.47 -3.82
CA ARG A 38 7.07 4.00 -3.36
C ARG A 38 6.24 2.91 -2.70
N LYS A 39 5.11 3.31 -2.11
CA LYS A 39 4.21 2.37 -1.44
C LYS A 39 2.77 2.85 -1.51
N CYS A 40 1.84 2.00 -1.05
CA CYS A 40 0.42 2.35 -1.06
C CYS A 40 -0.09 2.50 0.37
N CYS A 41 -0.79 3.60 0.63
CA CYS A 41 -1.32 3.86 1.96
C CYS A 41 -2.84 4.05 1.95
N ARG A 42 -3.52 3.38 2.89
CA ARG A 42 -4.98 3.48 3.00
C ARG A 42 -5.35 4.23 4.28
N ARG A 43 -6.11 5.32 4.13
CA ARG A 43 -6.52 6.13 5.26
C ARG A 43 -7.21 5.28 6.33
N LYS A 44 -6.93 5.59 7.59
CA LYS A 44 -7.52 4.86 8.71
C LYS A 44 -9.03 5.11 8.79
N LYS A 45 -9.74 4.23 9.47
CA LYS A 45 -11.18 4.37 9.63
C LYS A 45 -11.54 5.66 10.35
N GLY A 1 0.90 16.79 18.07
CA GLY A 1 0.95 15.69 17.07
C GLY A 1 0.24 16.04 15.80
N ILE A 2 0.97 16.05 14.68
CA ILE A 2 0.40 16.37 13.39
C ILE A 2 0.67 15.26 12.38
N ILE A 3 -0.31 15.00 11.51
CA ILE A 3 -0.19 13.97 10.50
C ILE A 3 0.56 14.48 9.27
N ASN A 4 1.45 13.66 8.73
CA ASN A 4 2.23 14.04 7.56
C ASN A 4 2.14 12.97 6.47
N THR A 5 1.64 11.80 6.86
CA THR A 5 1.48 10.69 5.92
C THR A 5 0.37 10.95 4.92
N LEU A 6 0.05 9.95 4.11
CA LEU A 6 -1.00 10.08 3.11
C LEU A 6 -1.47 8.71 2.62
N GLN A 7 -1.61 7.78 3.57
CA GLN A 7 -2.08 6.43 3.23
C GLN A 7 -3.52 6.45 2.74
N LYS A 8 -4.12 7.64 2.73
CA LYS A 8 -5.50 7.78 2.27
C LYS A 8 -5.55 7.89 0.76
N TYR A 9 -4.37 8.10 0.15
CA TYR A 9 -4.26 8.20 -1.29
C TYR A 9 -2.86 7.81 -1.75
N TYR A 10 -2.10 7.19 -0.84
CA TYR A 10 -0.74 6.75 -1.16
C TYR A 10 -0.78 5.75 -2.30
N CYS A 11 -1.69 4.80 -2.20
CA CYS A 11 -1.85 3.78 -3.23
C CYS A 11 -2.66 4.34 -4.39
N ARG A 12 -3.14 5.57 -4.21
CA ARG A 12 -3.93 6.24 -5.25
C ARG A 12 -3.02 6.89 -6.28
N VAL A 13 -1.97 7.57 -5.81
CA VAL A 13 -1.03 8.23 -6.71
C VAL A 13 -0.30 7.20 -7.57
N ARG A 14 -0.12 6.01 -7.04
CA ARG A 14 0.56 4.92 -7.75
C ARG A 14 -0.07 3.58 -7.41
N GLY A 15 0.16 3.11 -6.19
CA GLY A 15 -0.38 1.84 -5.74
C GLY A 15 -0.11 0.71 -6.72
N GLY A 16 1.00 0.02 -6.52
CA GLY A 16 1.36 -1.08 -7.38
C GLY A 16 0.28 -2.13 -7.47
N ARG A 17 0.28 -3.07 -6.52
CA ARG A 17 -0.71 -4.13 -6.50
C ARG A 17 -1.39 -4.19 -5.13
N CYS A 18 -2.34 -5.11 -4.98
CA CYS A 18 -3.06 -5.25 -3.72
C CYS A 18 -3.15 -6.72 -3.30
N ALA A 19 -2.98 -6.97 -2.01
CA ALA A 19 -3.04 -8.33 -1.47
C ALA A 19 -4.37 -8.56 -0.77
N VAL A 20 -4.63 -9.81 -0.37
CA VAL A 20 -5.87 -10.15 0.31
C VAL A 20 -5.78 -9.86 1.80
N LEU A 21 -4.70 -10.29 2.42
CA LEU A 21 -4.49 -10.08 3.85
C LEU A 21 -3.07 -9.60 4.14
N SER A 22 -2.09 -10.31 3.59
CA SER A 22 -0.69 -9.96 3.79
C SER A 22 -0.02 -9.61 2.45
N CYS A 23 0.83 -8.60 2.48
CA CYS A 23 1.54 -8.17 1.28
C CYS A 23 2.37 -9.29 0.68
N LEU A 24 2.99 -9.02 -0.46
CA LEU A 24 3.82 -10.02 -1.13
C LEU A 24 5.28 -9.89 -0.70
N PRO A 25 6.01 -11.02 -0.67
CA PRO A 25 7.43 -11.04 -0.27
C PRO A 25 8.36 -10.48 -1.33
N LYS A 26 7.82 -9.58 -2.17
CA LYS A 26 8.61 -8.98 -3.23
C LYS A 26 8.22 -7.51 -3.40
N GLU A 27 7.31 -7.05 -2.55
CA GLU A 27 6.84 -5.67 -2.60
C GLU A 27 6.60 -5.11 -1.20
N GLU A 28 6.87 -3.83 -1.02
CA GLU A 28 6.68 -3.17 0.27
C GLU A 28 5.30 -2.53 0.31
N GLN A 29 4.82 -2.23 1.52
CA GLN A 29 3.51 -1.62 1.69
C GLN A 29 3.58 -0.10 1.68
N ILE A 30 2.59 0.52 1.05
CA ILE A 30 2.52 1.98 0.96
C ILE A 30 1.23 2.51 1.59
N GLY A 31 0.22 1.66 1.68
CA GLY A 31 -1.04 2.06 2.25
C GLY A 31 -2.03 0.92 2.37
N LYS A 32 -3.31 1.26 2.51
CA LYS A 32 -4.37 0.26 2.63
C LYS A 32 -5.25 0.27 1.38
N CYS A 33 -5.27 -0.86 0.67
CA CYS A 33 -6.06 -0.98 -0.54
C CYS A 33 -7.55 -1.01 -0.24
N SER A 34 -7.95 -1.83 0.72
CA SER A 34 -9.35 -1.94 1.11
C SER A 34 -9.53 -1.72 2.60
N THR A 35 -10.71 -1.24 2.98
CA THR A 35 -11.01 -0.97 4.38
C THR A 35 -11.25 -2.28 5.15
N ARG A 36 -11.49 -3.35 4.41
CA ARG A 36 -11.75 -4.66 5.00
C ARG A 36 -10.52 -5.16 5.75
N GLY A 37 -9.45 -5.43 5.02
CA GLY A 37 -8.23 -5.91 5.63
C GLY A 37 -7.15 -6.22 4.60
N ARG A 38 -6.96 -5.30 3.65
CA ARG A 38 -5.95 -5.49 2.60
C ARG A 38 -4.88 -4.41 2.69
N LYS A 39 -3.90 -4.49 1.80
CA LYS A 39 -2.81 -3.51 1.78
C LYS A 39 -2.27 -3.32 0.37
N CYS A 40 -1.46 -2.27 0.18
CA CYS A 40 -0.89 -1.98 -1.13
C CYS A 40 0.61 -2.28 -1.16
N CYS A 41 1.01 -3.18 -2.03
CA CYS A 41 2.41 -3.56 -2.15
C CYS A 41 2.97 -3.20 -3.52
N ARG A 42 4.12 -2.52 -3.52
CA ARG A 42 4.77 -2.12 -4.76
C ARG A 42 6.12 -2.81 -4.90
N ARG A 43 6.36 -3.42 -6.06
CA ARG A 43 7.61 -4.13 -6.31
C ARG A 43 8.83 -3.27 -5.96
N LYS A 44 9.77 -3.87 -5.25
CA LYS A 44 10.99 -3.17 -4.84
C LYS A 44 12.23 -3.90 -5.32
N LYS A 45 13.13 -3.18 -5.98
CA LYS A 45 14.37 -3.77 -6.48
C LYS A 45 15.54 -2.81 -6.29
N GLY A 1 -10.49 20.99 2.27
CA GLY A 1 -10.31 19.82 1.36
C GLY A 1 -9.52 18.70 2.00
N ILE A 2 -10.23 17.68 2.47
CA ILE A 2 -9.59 16.54 3.11
C ILE A 2 -10.15 15.23 2.58
N ILE A 3 -9.42 14.14 2.80
CA ILE A 3 -9.86 12.82 2.35
C ILE A 3 -10.12 11.89 3.54
N ASN A 4 -11.14 11.06 3.43
CA ASN A 4 -11.49 10.13 4.49
C ASN A 4 -10.59 8.90 4.44
N THR A 5 -10.18 8.51 3.24
CA THR A 5 -9.31 7.36 3.06
C THR A 5 -8.00 7.55 3.82
N LEU A 6 -7.52 6.49 4.46
CA LEU A 6 -6.28 6.54 5.21
C LEU A 6 -5.14 5.89 4.44
N GLN A 7 -5.10 6.13 3.13
CA GLN A 7 -4.06 5.57 2.28
C GLN A 7 -2.68 6.10 2.67
N LYS A 8 -2.65 7.03 3.62
CA LYS A 8 -1.40 7.64 4.07
C LYS A 8 -0.73 6.78 5.14
N TYR A 9 -1.48 5.81 5.68
CA TYR A 9 -0.95 4.92 6.70
C TYR A 9 -1.71 3.60 6.72
N TYR A 10 -2.22 3.20 5.56
CA TYR A 10 -2.96 1.96 5.45
C TYR A 10 -2.03 0.76 5.57
N CYS A 11 -0.81 0.92 5.05
CA CYS A 11 0.19 -0.14 5.11
C CYS A 11 0.88 -0.14 6.47
N ARG A 12 0.37 0.68 7.37
CA ARG A 12 0.93 0.80 8.71
C ARG A 12 0.00 0.14 9.74
N VAL A 13 -1.28 0.06 9.40
CA VAL A 13 -2.27 -0.54 10.28
C VAL A 13 -2.43 -2.04 10.03
N ARG A 14 -2.29 -2.45 8.77
CA ARG A 14 -2.43 -3.85 8.41
C ARG A 14 -1.97 -4.09 6.97
N GLY A 15 -0.96 -3.34 6.54
CA GLY A 15 -0.45 -3.48 5.20
C GLY A 15 0.34 -4.76 5.01
N GLY A 16 0.16 -5.39 3.86
CA GLY A 16 0.87 -6.62 3.56
C GLY A 16 2.35 -6.38 3.28
N ARG A 17 2.71 -6.37 2.00
CA ARG A 17 4.10 -6.15 1.60
C ARG A 17 4.28 -4.75 1.03
N CYS A 18 5.54 -4.38 0.79
CA CYS A 18 5.85 -3.06 0.25
C CYS A 18 6.85 -3.16 -0.91
N ALA A 19 6.60 -2.40 -1.98
CA ALA A 19 7.47 -2.42 -3.13
C ALA A 19 8.34 -1.16 -3.17
N VAL A 20 9.36 -1.17 -4.03
CA VAL A 20 10.27 -0.04 -4.14
C VAL A 20 9.71 1.03 -5.08
N LEU A 21 9.14 0.58 -6.20
CA LEU A 21 8.57 1.50 -7.19
C LEU A 21 7.10 1.20 -7.41
N SER A 22 6.82 0.18 -8.22
CA SER A 22 5.45 -0.21 -8.51
C SER A 22 5.07 -1.49 -7.76
N CYS A 23 3.79 -1.63 -7.44
CA CYS A 23 3.32 -2.80 -6.72
C CYS A 23 3.54 -4.07 -7.53
N LEU A 24 3.23 -5.22 -6.93
CA LEU A 24 3.41 -6.50 -7.61
C LEU A 24 2.12 -6.91 -8.31
N PRO A 25 2.22 -7.63 -9.46
CA PRO A 25 1.04 -8.06 -10.22
C PRO A 25 0.23 -9.13 -9.49
N LYS A 26 0.82 -9.73 -8.47
CA LYS A 26 0.13 -10.77 -7.71
C LYS A 26 -0.55 -10.20 -6.47
N GLU A 27 -0.45 -8.88 -6.30
CA GLU A 27 -1.06 -8.22 -5.15
C GLU A 27 -1.63 -6.86 -5.52
N GLU A 28 -2.72 -6.49 -4.86
CA GLU A 28 -3.38 -5.21 -5.11
C GLU A 28 -2.82 -4.15 -4.15
N GLN A 29 -3.04 -2.88 -4.48
CA GLN A 29 -2.55 -1.81 -3.64
C GLN A 29 -3.61 -1.39 -2.62
N ILE A 30 -3.17 -1.19 -1.38
CA ILE A 30 -4.07 -0.80 -0.31
C ILE A 30 -3.67 0.54 0.29
N GLY A 31 -2.45 0.98 0.00
CA GLY A 31 -1.97 2.25 0.53
C GLY A 31 -0.57 2.57 0.07
N LYS A 32 0.12 3.40 0.86
CA LYS A 32 1.49 3.80 0.53
C LYS A 32 2.41 3.51 1.71
N CYS A 33 3.21 2.45 1.58
CA CYS A 33 4.13 2.05 2.63
C CYS A 33 5.04 3.21 3.04
N SER A 34 5.84 3.69 2.12
CA SER A 34 6.75 4.81 2.40
C SER A 34 6.20 6.11 1.83
N THR A 35 6.74 7.23 2.30
CA THR A 35 6.30 8.54 1.85
C THR A 35 7.24 9.08 0.77
N ARG A 36 8.28 8.31 0.45
CA ARG A 36 9.25 8.72 -0.56
C ARG A 36 8.70 8.52 -1.97
N GLY A 37 8.01 7.39 -2.17
CA GLY A 37 7.43 7.10 -3.47
C GLY A 37 7.22 5.61 -3.69
N ARG A 38 6.59 4.96 -2.71
CA ARG A 38 6.32 3.54 -2.79
C ARG A 38 4.83 3.25 -2.62
N LYS A 39 4.49 1.96 -2.57
CA LYS A 39 3.09 1.54 -2.42
C LYS A 39 3.00 0.22 -1.65
N CYS A 40 1.81 -0.10 -1.18
CA CYS A 40 1.58 -1.33 -0.43
C CYS A 40 0.77 -2.33 -1.25
N CYS A 41 1.24 -3.57 -1.30
CA CYS A 41 0.56 -4.61 -2.05
C CYS A 41 0.11 -5.76 -1.14
N ARG A 42 -1.02 -6.35 -1.47
CA ARG A 42 -1.57 -7.46 -0.69
C ARG A 42 -1.90 -8.63 -1.61
N ARG A 43 -1.11 -9.70 -1.52
CA ARG A 43 -1.31 -10.88 -2.35
C ARG A 43 -2.74 -11.40 -2.24
N LYS A 44 -3.32 -11.79 -3.37
CA LYS A 44 -4.68 -12.31 -3.41
C LYS A 44 -4.71 -13.73 -3.94
N LYS A 45 -4.12 -14.64 -3.18
CA LYS A 45 -4.08 -16.05 -3.58
C LYS A 45 -4.68 -16.94 -2.50
N GLY A 1 6.73 14.32 1.99
CA GLY A 1 5.48 13.64 2.45
C GLY A 1 5.70 12.82 3.71
N ILE A 2 5.23 13.34 4.85
CA ILE A 2 5.38 12.64 6.12
C ILE A 2 4.03 12.47 6.80
N ILE A 3 3.26 11.48 6.34
CA ILE A 3 1.95 11.20 6.90
C ILE A 3 1.53 9.76 6.62
N ASN A 4 1.70 8.90 7.61
CA ASN A 4 1.34 7.49 7.48
C ASN A 4 0.11 7.15 8.32
N THR A 5 -0.96 7.93 8.15
CA THR A 5 -2.19 7.71 8.88
C THR A 5 -3.38 7.58 7.94
N LEU A 6 -3.18 7.96 6.68
CA LEU A 6 -4.24 7.90 5.68
C LEU A 6 -4.24 6.54 4.99
N GLN A 7 -3.98 5.48 5.75
CA GLN A 7 -3.98 4.13 5.22
C GLN A 7 -5.38 3.71 4.76
N LYS A 8 -6.33 4.62 4.93
CA LYS A 8 -7.71 4.38 4.54
C LYS A 8 -7.90 4.63 3.05
N TYR A 9 -7.03 5.47 2.51
CA TYR A 9 -7.08 5.82 1.09
C TYR A 9 -5.68 6.16 0.58
N TYR A 10 -4.67 5.48 1.11
CA TYR A 10 -3.30 5.71 0.69
C TYR A 10 -3.07 5.15 -0.71
N CYS A 11 -3.94 4.25 -1.12
CA CYS A 11 -3.86 3.64 -2.44
C CYS A 11 -4.69 4.43 -3.46
N ARG A 12 -5.32 5.50 -2.97
CA ARG A 12 -6.14 6.35 -3.83
C ARG A 12 -5.43 7.66 -4.13
N VAL A 13 -4.36 7.94 -3.38
CA VAL A 13 -3.60 9.16 -3.56
C VAL A 13 -2.33 8.90 -4.36
N ARG A 14 -1.71 7.76 -4.13
CA ARG A 14 -0.48 7.39 -4.83
C ARG A 14 -0.17 5.91 -4.67
N GLY A 15 -1.24 5.10 -4.56
CA GLY A 15 -1.07 3.67 -4.40
C GLY A 15 -0.61 3.00 -5.68
N GLY A 16 0.40 2.15 -5.58
CA GLY A 16 0.92 1.45 -6.74
C GLY A 16 0.02 0.31 -7.18
N ARG A 17 0.31 -0.88 -6.66
CA ARG A 17 -0.48 -2.07 -6.99
C ARG A 17 -1.07 -2.70 -5.74
N CYS A 18 -1.72 -3.85 -5.91
CA CYS A 18 -2.33 -4.55 -4.79
C CYS A 18 -1.97 -6.03 -4.80
N ALA A 19 -1.76 -6.61 -3.63
CA ALA A 19 -1.40 -8.01 -3.51
C ALA A 19 -2.62 -8.84 -3.11
N VAL A 20 -2.60 -10.12 -3.48
CA VAL A 20 -3.71 -11.02 -3.18
C VAL A 20 -3.61 -11.57 -1.75
N LEU A 21 -2.38 -11.83 -1.31
CA LEU A 21 -2.15 -12.36 0.03
C LEU A 21 -1.06 -11.57 0.74
N SER A 22 0.14 -11.59 0.19
CA SER A 22 1.27 -10.86 0.75
C SER A 22 1.85 -9.89 -0.28
N CYS A 23 2.38 -8.77 0.21
CA CYS A 23 2.96 -7.76 -0.68
C CYS A 23 4.05 -8.36 -1.55
N LEU A 24 4.53 -7.58 -2.52
CA LEU A 24 5.57 -8.04 -3.42
C LEU A 24 6.96 -7.72 -2.85
N PRO A 25 7.95 -8.58 -3.11
CA PRO A 25 9.32 -8.40 -2.62
C PRO A 25 10.06 -7.27 -3.33
N LYS A 26 9.31 -6.30 -3.85
CA LYS A 26 9.90 -5.16 -4.54
C LYS A 26 9.09 -3.89 -4.29
N GLU A 27 8.14 -3.97 -3.37
CA GLU A 27 7.30 -2.83 -3.04
C GLU A 27 6.88 -2.85 -1.58
N GLU A 28 6.83 -1.67 -0.96
CA GLU A 28 6.45 -1.54 0.44
C GLU A 28 4.94 -1.35 0.56
N GLN A 29 4.39 -1.65 1.73
CA GLN A 29 2.95 -1.52 1.94
C GLN A 29 2.60 -0.12 2.43
N ILE A 30 1.52 0.43 1.89
CA ILE A 30 1.07 1.76 2.26
C ILE A 30 -0.31 1.72 2.91
N GLY A 31 -1.08 0.69 2.58
CA GLY A 31 -2.41 0.56 3.13
C GLY A 31 -3.09 -0.73 2.71
N LYS A 32 -4.37 -0.86 3.03
CA LYS A 32 -5.13 -2.05 2.68
C LYS A 32 -5.98 -1.80 1.44
N CYS A 33 -5.62 -2.48 0.35
CA CYS A 33 -6.34 -2.33 -0.92
C CYS A 33 -7.81 -2.70 -0.75
N SER A 34 -8.08 -3.74 0.04
CA SER A 34 -9.44 -4.19 0.28
C SER A 34 -9.86 -3.92 1.72
N THR A 35 -10.93 -4.56 2.16
CA THR A 35 -11.42 -4.40 3.52
C THR A 35 -10.50 -5.06 4.53
N ARG A 36 -10.10 -6.30 4.25
CA ARG A 36 -9.21 -7.04 5.13
C ARG A 36 -8.66 -8.28 4.43
N GLY A 37 -7.37 -8.54 4.62
CA GLY A 37 -6.74 -9.70 4.00
C GLY A 37 -5.68 -9.31 3.00
N ARG A 38 -5.99 -8.33 2.15
CA ARG A 38 -5.05 -7.87 1.13
C ARG A 38 -4.30 -6.62 1.59
N LYS A 39 -3.44 -6.10 0.73
CA LYS A 39 -2.66 -4.91 1.04
C LYS A 39 -2.25 -4.17 -0.23
N CYS A 40 -1.66 -2.99 -0.05
CA CYS A 40 -1.21 -2.16 -1.17
C CYS A 40 0.30 -2.01 -1.16
N CYS A 41 0.94 -2.36 -2.26
CA CYS A 41 2.40 -2.27 -2.36
C CYS A 41 2.82 -1.31 -3.46
N ARG A 42 3.80 -0.45 -3.14
CA ARG A 42 4.31 0.52 -4.10
C ARG A 42 5.81 0.34 -4.27
N ARG A 43 6.25 0.26 -5.53
CA ARG A 43 7.67 0.07 -5.84
C ARG A 43 8.56 0.93 -4.96
N LYS A 44 9.61 0.32 -4.42
CA LYS A 44 10.55 1.02 -3.55
C LYS A 44 11.38 2.01 -4.34
N LYS A 45 12.07 2.90 -3.63
CA LYS A 45 12.91 3.91 -4.26
C LYS A 45 14.12 3.27 -4.92
N GLY A 1 10.34 -18.67 -5.05
CA GLY A 1 9.23 -19.61 -4.71
C GLY A 1 7.86 -19.00 -4.90
N ILE A 2 6.83 -19.72 -4.49
CA ILE A 2 5.45 -19.23 -4.62
C ILE A 2 5.02 -18.48 -3.37
N ILE A 3 4.28 -17.40 -3.57
CA ILE A 3 3.80 -16.58 -2.46
C ILE A 3 2.28 -16.71 -2.30
N ASN A 4 1.81 -16.57 -1.06
CA ASN A 4 0.39 -16.68 -0.77
C ASN A 4 -0.27 -15.30 -0.76
N THR A 5 -0.01 -14.53 0.30
CA THR A 5 -0.59 -13.20 0.44
C THR A 5 -0.01 -12.25 -0.61
N LEU A 6 -0.89 -11.66 -1.41
CA LEU A 6 -0.48 -10.73 -2.45
C LEU A 6 -0.13 -9.37 -1.87
N GLN A 7 1.08 -8.90 -2.17
CA GLN A 7 1.54 -7.60 -1.68
C GLN A 7 2.28 -6.85 -2.78
N LYS A 8 2.69 -7.58 -3.82
CA LYS A 8 3.39 -6.99 -4.95
C LYS A 8 2.38 -6.36 -5.90
N TYR A 9 1.11 -6.53 -5.58
CA TYR A 9 0.03 -5.97 -6.38
C TYR A 9 -1.20 -5.71 -5.50
N TYR A 10 -0.96 -5.59 -4.20
CA TYR A 10 -2.04 -5.33 -3.26
C TYR A 10 -2.68 -3.97 -3.55
N CYS A 11 -1.85 -3.02 -3.97
CA CYS A 11 -2.32 -1.69 -4.30
C CYS A 11 -2.82 -1.64 -5.74
N ARG A 12 -2.76 -2.79 -6.41
CA ARG A 12 -3.21 -2.90 -7.79
C ARG A 12 -4.66 -3.38 -7.86
N VAL A 13 -5.02 -4.31 -6.97
CA VAL A 13 -6.37 -4.84 -6.94
C VAL A 13 -7.35 -3.83 -6.35
N ARG A 14 -6.82 -2.91 -5.53
CA ARG A 14 -7.65 -1.88 -4.91
C ARG A 14 -6.78 -0.73 -4.43
N GLY A 15 -5.91 -1.02 -3.47
CA GLY A 15 -5.02 -0.01 -2.93
C GLY A 15 -5.75 1.23 -2.45
N GLY A 16 -5.11 2.38 -2.61
CA GLY A 16 -5.71 3.63 -2.19
C GLY A 16 -4.89 4.83 -2.62
N ARG A 17 -4.01 5.29 -1.73
CA ARG A 17 -3.15 6.43 -2.01
C ARG A 17 -1.68 6.05 -1.87
N CYS A 18 -0.80 6.98 -2.23
CA CYS A 18 0.64 6.74 -2.14
C CYS A 18 1.34 7.90 -1.44
N ALA A 19 2.25 7.57 -0.52
CA ALA A 19 2.99 8.58 0.22
C ALA A 19 4.42 8.72 -0.31
N VAL A 20 5.09 9.79 0.11
CA VAL A 20 6.47 10.05 -0.33
C VAL A 20 7.46 9.27 0.52
N LEU A 21 7.28 9.32 1.83
CA LEU A 21 8.16 8.62 2.76
C LEU A 21 7.36 7.63 3.61
N SER A 22 6.67 8.15 4.61
CA SER A 22 5.85 7.31 5.49
C SER A 22 4.38 7.46 5.16
N CYS A 23 3.60 6.44 5.47
CA CYS A 23 2.17 6.46 5.20
C CYS A 23 1.49 7.62 5.91
N LEU A 24 0.20 7.81 5.65
CA LEU A 24 -0.53 8.90 6.27
C LEU A 24 -1.16 8.46 7.59
N PRO A 25 -1.08 9.30 8.63
CA PRO A 25 -1.63 8.99 9.96
C PRO A 25 -3.11 8.63 9.93
N LYS A 26 -3.80 9.05 8.88
CA LYS A 26 -5.23 8.77 8.75
C LYS A 26 -5.47 7.50 7.95
N GLU A 27 -4.42 6.71 7.74
CA GLU A 27 -4.53 5.47 6.99
C GLU A 27 -3.43 4.49 7.35
N GLU A 28 -3.60 3.24 6.93
CA GLU A 28 -2.63 2.19 7.19
C GLU A 28 -1.99 1.74 5.88
N GLN A 29 -0.89 1.01 5.96
CA GLN A 29 -0.20 0.54 4.77
C GLN A 29 -0.75 -0.80 4.30
N ILE A 30 -0.96 -0.92 3.00
CA ILE A 30 -1.49 -2.14 2.41
C ILE A 30 -0.50 -2.75 1.41
N GLY A 31 0.40 -1.91 0.90
CA GLY A 31 1.38 -2.38 -0.05
C GLY A 31 2.50 -1.38 -0.28
N LYS A 32 3.06 -1.36 -1.48
CA LYS A 32 4.14 -0.45 -1.82
C LYS A 32 3.92 0.17 -3.19
N CYS A 33 3.51 1.44 -3.21
CA CYS A 33 3.26 2.15 -4.45
C CYS A 33 4.52 2.24 -5.30
N SER A 34 5.67 2.34 -4.63
CA SER A 34 6.96 2.43 -5.32
C SER A 34 8.03 1.68 -4.55
N THR A 35 8.95 1.05 -5.29
CA THR A 35 10.04 0.30 -4.67
C THR A 35 11.27 1.18 -4.48
N ARG A 36 11.09 2.49 -4.66
CA ARG A 36 12.19 3.44 -4.50
C ARG A 36 12.23 3.98 -3.08
N GLY A 37 11.17 3.74 -2.32
CA GLY A 37 11.10 4.21 -0.95
C GLY A 37 9.74 4.80 -0.61
N ARG A 38 8.68 4.11 -1.02
CA ARG A 38 7.32 4.58 -0.75
C ARG A 38 6.42 3.41 -0.37
N LYS A 39 5.18 3.72 -0.01
CA LYS A 39 4.21 2.70 0.39
C LYS A 39 2.79 3.15 0.06
N CYS A 40 1.84 2.22 0.18
CA CYS A 40 0.44 2.50 -0.10
C CYS A 40 -0.38 2.58 1.18
N CYS A 41 -1.23 3.60 1.28
CA CYS A 41 -2.07 3.79 2.46
C CYS A 41 -3.54 3.60 2.15
N ARG A 42 -4.31 3.25 3.17
CA ARG A 42 -5.75 3.05 3.04
C ARG A 42 -6.48 3.78 4.15
N ARG A 43 -7.10 4.91 3.79
CA ARG A 43 -7.83 5.73 4.75
C ARG A 43 -8.91 4.94 5.47
N LYS A 44 -9.08 5.23 6.76
CA LYS A 44 -10.08 4.55 7.57
C LYS A 44 -11.30 5.44 7.77
N LYS A 45 -12.35 4.85 8.34
CA LYS A 45 -13.59 5.58 8.60
C LYS A 45 -14.02 5.41 10.04
N GLY A 1 0.79 -20.73 -5.48
CA GLY A 1 1.95 -20.71 -6.41
C GLY A 1 2.47 -19.30 -6.63
N ILE A 2 2.15 -18.40 -5.71
CA ILE A 2 2.59 -17.01 -5.81
C ILE A 2 3.41 -16.61 -4.59
N ILE A 3 4.43 -15.79 -4.80
CA ILE A 3 5.29 -15.33 -3.71
C ILE A 3 4.48 -14.53 -2.70
N ASN A 4 4.72 -14.81 -1.42
CA ASN A 4 4.02 -14.12 -0.33
C ASN A 4 4.29 -12.62 -0.38
N THR A 5 5.56 -12.25 -0.29
CA THR A 5 5.96 -10.84 -0.31
C THR A 5 5.88 -10.26 -1.72
N LEU A 6 4.73 -9.68 -2.05
CA LEU A 6 4.53 -9.08 -3.36
C LEU A 6 4.49 -7.57 -3.26
N GLN A 7 5.36 -7.02 -2.41
CA GLN A 7 5.44 -5.58 -2.21
C GLN A 7 5.89 -4.87 -3.48
N LYS A 8 6.20 -5.65 -4.51
CA LYS A 8 6.65 -5.10 -5.78
C LYS A 8 5.46 -4.68 -6.63
N TYR A 9 4.28 -5.15 -6.26
CA TYR A 9 3.06 -4.82 -6.99
C TYR A 9 1.83 -4.98 -6.09
N TYR A 10 2.01 -4.77 -4.79
CA TYR A 10 0.91 -4.89 -3.84
C TYR A 10 -0.11 -3.78 -4.06
N CYS A 11 0.40 -2.57 -4.31
CA CYS A 11 -0.47 -1.42 -4.55
C CYS A 11 -0.98 -1.44 -5.99
N ARG A 12 -0.60 -2.49 -6.72
CA ARG A 12 -1.01 -2.65 -8.11
C ARG A 12 -2.23 -3.56 -8.22
N VAL A 13 -2.18 -4.68 -7.49
CA VAL A 13 -3.29 -5.63 -7.49
C VAL A 13 -4.59 -4.94 -7.07
N ARG A 14 -4.46 -3.92 -6.23
CA ARG A 14 -5.60 -3.16 -5.75
C ARG A 14 -5.19 -1.71 -5.48
N GLY A 15 -4.34 -1.51 -4.47
CA GLY A 15 -3.88 -0.18 -4.14
C GLY A 15 -5.00 0.79 -3.83
N GLY A 16 -5.22 1.03 -2.55
CA GLY A 16 -6.28 1.95 -2.14
C GLY A 16 -5.98 3.38 -2.53
N ARG A 17 -5.20 4.07 -1.69
CA ARG A 17 -4.84 5.46 -1.94
C ARG A 17 -3.36 5.69 -1.65
N CYS A 18 -2.85 6.83 -2.10
CA CYS A 18 -1.45 7.17 -1.88
C CYS A 18 -1.33 8.39 -0.96
N ALA A 19 -0.42 8.30 0.01
CA ALA A 19 -0.21 9.39 0.95
C ALA A 19 0.99 10.24 0.55
N VAL A 20 1.05 11.46 1.05
CA VAL A 20 2.14 12.38 0.73
C VAL A 20 3.35 12.13 1.63
N LEU A 21 3.10 12.05 2.94
CA LEU A 21 4.16 11.82 3.90
C LEU A 21 3.94 10.52 4.66
N SER A 22 2.76 10.39 5.28
CA SER A 22 2.42 9.20 6.03
C SER A 22 1.03 8.70 5.66
N CYS A 23 0.84 7.39 5.76
CA CYS A 23 -0.44 6.77 5.43
C CYS A 23 -1.57 7.37 6.25
N LEU A 24 -2.81 6.99 5.92
CA LEU A 24 -3.98 7.49 6.64
C LEU A 24 -4.36 6.55 7.77
N PRO A 25 -4.77 7.09 8.94
CA PRO A 25 -5.16 6.28 10.09
C PRO A 25 -6.35 5.37 9.81
N LYS A 26 -7.09 5.68 8.74
CA LYS A 26 -8.25 4.88 8.36
C LYS A 26 -7.90 3.84 7.31
N GLU A 27 -6.61 3.60 7.12
CA GLU A 27 -6.16 2.61 6.13
C GLU A 27 -4.79 2.06 6.50
N GLU A 28 -4.57 0.78 6.18
CA GLU A 28 -3.29 0.13 6.46
C GLU A 28 -2.41 0.18 5.22
N GLN A 29 -1.10 0.01 5.40
CA GLN A 29 -0.17 0.06 4.27
C GLN A 29 0.01 -1.33 3.66
N ILE A 30 0.10 -1.35 2.34
CA ILE A 30 0.26 -2.59 1.59
C ILE A 30 1.53 -2.56 0.74
N GLY A 31 2.00 -1.35 0.44
CA GLY A 31 3.19 -1.20 -0.38
C GLY A 31 3.72 0.22 -0.41
N LYS A 32 4.46 0.54 -1.46
CA LYS A 32 5.03 1.86 -1.63
C LYS A 32 4.41 2.57 -2.84
N CYS A 33 3.49 3.48 -2.56
CA CYS A 33 2.81 4.22 -3.62
C CYS A 33 3.79 5.09 -4.41
N SER A 34 5.03 5.18 -3.93
CA SER A 34 6.04 5.98 -4.60
C SER A 34 7.39 5.26 -4.60
N THR A 35 8.24 5.60 -3.64
CA THR A 35 9.56 4.98 -3.54
C THR A 35 9.90 4.65 -2.09
N ARG A 36 10.00 5.68 -1.25
CA ARG A 36 10.31 5.50 0.17
C ARG A 36 9.68 6.60 1.01
N GLY A 37 9.35 7.72 0.37
CA GLY A 37 8.74 8.83 1.08
C GLY A 37 7.24 8.64 1.27
N ARG A 38 6.59 8.07 0.27
CA ARG A 38 5.15 7.83 0.33
C ARG A 38 4.86 6.34 0.46
N LYS A 39 3.59 5.99 0.65
CA LYS A 39 3.18 4.60 0.81
C LYS A 39 1.75 4.39 0.31
N CYS A 40 1.37 3.12 0.20
CA CYS A 40 0.03 2.77 -0.28
C CYS A 40 -0.84 2.28 0.88
N CYS A 41 -1.97 2.93 1.09
CA CYS A 41 -2.87 2.57 2.18
C CYS A 41 -4.26 2.18 1.66
N ARG A 42 -4.81 1.10 2.21
CA ARG A 42 -6.14 0.63 1.82
C ARG A 42 -7.12 0.81 2.97
N ARG A 43 -8.20 1.55 2.70
CA ARG A 43 -9.22 1.82 3.71
C ARG A 43 -9.68 0.54 4.40
N LYS A 44 -10.01 0.65 5.68
CA LYS A 44 -10.47 -0.48 6.47
C LYS A 44 -11.66 -1.17 5.81
N LYS A 45 -11.76 -2.47 6.00
CA LYS A 45 -12.86 -3.25 5.42
C LYS A 45 -14.18 -2.91 6.12
N GLY A 1 -12.32 14.07 12.05
CA GLY A 1 -11.03 13.36 11.84
C GLY A 1 -10.97 12.63 10.52
N ILE A 2 -11.80 13.04 9.58
CA ILE A 2 -11.83 12.42 8.26
C ILE A 2 -10.93 13.16 7.28
N ILE A 3 -10.02 12.42 6.64
CA ILE A 3 -9.10 13.00 5.68
C ILE A 3 -9.40 12.48 4.27
N ASN A 4 -9.35 13.39 3.29
CA ASN A 4 -9.61 13.02 1.90
C ASN A 4 -8.67 11.92 1.43
N THR A 5 -7.37 12.15 1.60
CA THR A 5 -6.36 11.18 1.19
C THR A 5 -5.26 11.05 2.25
N LEU A 6 -4.90 9.81 2.57
CA LEU A 6 -3.87 9.55 3.56
C LEU A 6 -2.85 8.54 3.04
N GLN A 7 -2.51 8.64 1.76
CA GLN A 7 -1.54 7.75 1.14
C GLN A 7 -0.17 7.92 1.77
N LYS A 8 -0.05 8.86 2.69
CA LYS A 8 1.22 9.12 3.36
C LYS A 8 1.44 8.17 4.52
N TYR A 9 0.38 7.48 4.94
CA TYR A 9 0.46 6.53 6.05
C TYR A 9 -0.63 5.48 5.94
N TYR A 10 -1.11 5.23 4.74
CA TYR A 10 -2.15 4.23 4.51
C TYR A 10 -1.61 2.83 4.81
N CYS A 11 -0.29 2.68 4.70
CA CYS A 11 0.35 1.41 4.96
C CYS A 11 0.72 1.28 6.43
N ARG A 12 0.43 2.33 7.20
CA ARG A 12 0.72 2.35 8.62
C ARG A 12 -0.52 2.00 9.44
N VAL A 13 -1.68 2.22 8.85
CA VAL A 13 -2.95 1.93 9.52
C VAL A 13 -3.37 0.48 9.30
N ARG A 14 -2.97 -0.08 8.17
CA ARG A 14 -3.31 -1.47 7.85
C ARG A 14 -2.48 -1.98 6.66
N GLY A 15 -1.20 -1.63 6.66
CA GLY A 15 -0.32 -2.06 5.59
C GLY A 15 -0.05 -3.55 5.60
N GLY A 16 -0.15 -4.17 4.43
CA GLY A 16 0.09 -5.60 4.33
C GLY A 16 1.55 -5.93 4.09
N ARG A 17 1.90 -6.22 2.84
CA ARG A 17 3.26 -6.57 2.48
C ARG A 17 3.93 -5.42 1.71
N CYS A 18 5.14 -5.66 1.24
CA CYS A 18 5.89 -4.65 0.48
C CYS A 18 6.58 -5.27 -0.73
N ALA A 19 6.45 -4.61 -1.88
CA ALA A 19 7.06 -5.09 -3.11
C ALA A 19 8.33 -4.30 -3.42
N VAL A 20 9.16 -4.85 -4.32
CA VAL A 20 10.41 -4.20 -4.70
C VAL A 20 10.18 -3.14 -5.77
N LEU A 21 9.46 -3.50 -6.81
CA LEU A 21 9.17 -2.58 -7.90
C LEU A 21 7.70 -2.65 -8.30
N SER A 22 7.17 -3.87 -8.32
CA SER A 22 5.76 -4.08 -8.68
C SER A 22 5.08 -4.96 -7.64
N CYS A 23 3.84 -4.60 -7.30
CA CYS A 23 3.08 -5.35 -6.32
C CYS A 23 2.86 -6.78 -6.78
N LEU A 24 2.32 -7.62 -5.89
CA LEU A 24 2.07 -9.01 -6.22
C LEU A 24 0.67 -9.19 -6.80
N PRO A 25 0.49 -10.16 -7.72
CA PRO A 25 -0.81 -10.41 -8.35
C PRO A 25 -1.85 -10.93 -7.36
N LYS A 26 -1.39 -11.36 -6.19
CA LYS A 26 -2.28 -11.87 -5.16
C LYS A 26 -2.69 -10.78 -4.17
N GLU A 27 -2.21 -9.56 -4.41
CA GLU A 27 -2.53 -8.44 -3.53
C GLU A 27 -2.61 -7.12 -4.30
N GLU A 28 -3.54 -6.26 -3.88
CA GLU A 28 -3.72 -4.97 -4.52
C GLU A 28 -2.90 -3.90 -3.79
N GLN A 29 -2.73 -2.75 -4.41
CA GLN A 29 -1.95 -1.68 -3.81
C GLN A 29 -2.84 -0.76 -2.98
N ILE A 30 -2.35 -0.39 -1.80
CA ILE A 30 -3.09 0.49 -0.90
C ILE A 30 -2.30 1.75 -0.59
N GLY A 31 -0.98 1.68 -0.78
CA GLY A 31 -0.14 2.83 -0.51
C GLY A 31 1.26 2.67 -1.05
N LYS A 32 2.20 3.43 -0.49
CA LYS A 32 3.60 3.37 -0.91
C LYS A 32 4.49 2.92 0.24
N CYS A 33 5.13 1.78 0.08
CA CYS A 33 6.02 1.24 1.10
C CYS A 33 7.30 2.06 1.19
N SER A 34 7.45 3.00 0.27
CA SER A 34 8.63 3.87 0.25
C SER A 34 8.33 5.17 -0.49
N THR A 35 9.30 6.08 -0.48
CA THR A 35 9.14 7.38 -1.15
C THR A 35 8.82 7.19 -2.63
N ARG A 36 9.48 6.20 -3.26
CA ARG A 36 9.27 5.91 -4.66
C ARG A 36 9.97 4.62 -5.07
N GLY A 37 9.36 3.88 -5.98
CA GLY A 37 9.95 2.63 -6.44
C GLY A 37 9.21 1.41 -5.92
N ARG A 38 8.71 1.49 -4.70
CA ARG A 38 7.99 0.37 -4.10
C ARG A 38 6.54 0.75 -3.81
N LYS A 39 5.75 -0.25 -3.39
CA LYS A 39 4.34 -0.03 -3.08
C LYS A 39 3.88 -1.02 -2.00
N CYS A 40 2.66 -0.83 -1.51
CA CYS A 40 2.10 -1.71 -0.48
C CYS A 40 0.99 -2.57 -1.05
N CYS A 41 1.13 -3.88 -0.92
CA CYS A 41 0.13 -4.81 -1.43
C CYS A 41 -0.54 -5.60 -0.30
N ARG A 42 -1.87 -5.66 -0.34
CA ARG A 42 -2.63 -6.39 0.66
C ARG A 42 -3.39 -7.53 0.00
N ARG A 43 -3.21 -8.74 0.52
CA ARG A 43 -3.87 -9.92 -0.02
C ARG A 43 -5.37 -9.70 -0.16
N LYS A 44 -5.91 -10.09 -1.32
CA LYS A 44 -7.33 -9.94 -1.59
C LYS A 44 -7.97 -11.27 -1.96
N LYS A 45 -9.29 -11.34 -1.88
CA LYS A 45 -10.02 -12.56 -2.20
C LYS A 45 -11.24 -12.26 -3.06
N GLY A 1 -3.16 17.04 3.21
CA GLY A 1 -4.45 17.78 3.37
C GLY A 1 -5.55 17.23 2.48
N ILE A 2 -5.30 16.05 1.91
CA ILE A 2 -6.27 15.42 1.03
C ILE A 2 -6.66 14.03 1.54
N ILE A 3 -7.92 13.88 1.94
CA ILE A 3 -8.41 12.61 2.45
C ILE A 3 -9.71 12.19 1.76
N ASN A 4 -9.80 10.92 1.41
CA ASN A 4 -11.00 10.40 0.75
C ASN A 4 -11.44 9.08 1.38
N THR A 5 -10.49 8.38 1.99
CA THR A 5 -10.77 7.10 2.63
C THR A 5 -9.99 6.96 3.94
N LEU A 6 -8.77 6.43 3.84
CA LEU A 6 -7.92 6.25 5.01
C LEU A 6 -6.51 5.80 4.60
N GLN A 7 -6.09 6.24 3.42
CA GLN A 7 -4.77 5.90 2.92
C GLN A 7 -3.68 6.52 3.79
N LYS A 8 -4.09 7.22 4.83
CA LYS A 8 -3.15 7.86 5.74
C LYS A 8 -2.62 6.87 6.77
N TYR A 9 -3.29 5.72 6.88
CA TYR A 9 -2.90 4.69 7.83
C TYR A 9 -3.35 3.31 7.36
N TYR A 10 -3.60 3.16 6.07
CA TYR A 10 -4.03 1.88 5.52
C TYR A 10 -2.90 0.86 5.67
N CYS A 11 -1.71 1.24 5.20
CA CYS A 11 -0.55 0.37 5.31
C CYS A 11 -0.10 0.31 6.76
N ARG A 12 -0.60 1.26 7.55
CA ARG A 12 -0.30 1.33 8.97
C ARG A 12 -1.26 0.47 9.76
N VAL A 13 -2.43 0.22 9.16
CA VAL A 13 -3.46 -0.59 9.79
C VAL A 13 -3.17 -2.09 9.59
N ARG A 14 -2.38 -2.39 8.56
CA ARG A 14 -2.01 -3.77 8.27
C ARG A 14 -0.71 -3.82 7.49
N GLY A 15 -0.72 -3.19 6.31
CA GLY A 15 0.47 -3.15 5.48
C GLY A 15 1.06 -4.52 5.20
N GLY A 16 0.58 -5.18 4.15
CA GLY A 16 1.09 -6.49 3.80
C GLY A 16 2.56 -6.46 3.42
N ARG A 17 2.82 -6.29 2.13
CA ARG A 17 4.18 -6.24 1.63
C ARG A 17 4.47 -4.86 1.03
N CYS A 18 5.75 -4.54 0.86
CA CYS A 18 6.14 -3.25 0.31
C CYS A 18 7.18 -3.41 -0.81
N ALA A 19 6.96 -2.71 -1.91
CA ALA A 19 7.89 -2.77 -3.04
C ALA A 19 8.78 -1.53 -3.06
N VAL A 20 9.95 -1.66 -3.68
CA VAL A 20 10.90 -0.57 -3.76
C VAL A 20 10.56 0.39 -4.89
N LEU A 21 9.81 -0.11 -5.89
CA LEU A 21 9.42 0.72 -7.02
C LEU A 21 7.91 0.62 -7.26
N SER A 22 7.50 -0.38 -8.03
CA SER A 22 6.08 -0.58 -8.34
C SER A 22 5.55 -1.83 -7.65
N CYS A 23 4.25 -1.83 -7.37
CA CYS A 23 3.62 -2.97 -6.72
C CYS A 23 3.74 -4.23 -7.57
N LEU A 24 3.42 -5.38 -6.99
CA LEU A 24 3.51 -6.64 -7.71
C LEU A 24 2.19 -6.98 -8.38
N PRO A 25 2.22 -7.63 -9.56
CA PRO A 25 1.02 -8.00 -10.29
C PRO A 25 0.19 -9.04 -9.56
N LYS A 26 0.76 -9.63 -8.51
CA LYS A 26 0.07 -10.64 -7.73
C LYS A 26 -0.60 -10.02 -6.50
N GLU A 27 -0.46 -8.71 -6.36
CA GLU A 27 -1.06 -8.01 -5.23
C GLU A 27 -1.51 -6.60 -5.62
N GLU A 28 -2.55 -6.11 -4.94
CA GLU A 28 -3.07 -4.77 -5.20
C GLU A 28 -2.50 -3.79 -4.18
N GLN A 29 -2.62 -2.50 -4.47
CA GLN A 29 -2.11 -1.48 -3.58
C GLN A 29 -3.15 -1.06 -2.54
N ILE A 30 -2.69 -0.88 -1.31
CA ILE A 30 -3.58 -0.49 -0.21
C ILE A 30 -3.18 0.86 0.37
N GLY A 31 -1.93 1.26 0.12
CA GLY A 31 -1.44 2.53 0.63
C GLY A 31 0.03 2.75 0.33
N LYS A 32 0.43 4.01 0.25
CA LYS A 32 1.82 4.35 -0.04
C LYS A 32 2.73 3.93 1.12
N CYS A 33 3.74 3.13 0.81
CA CYS A 33 4.68 2.65 1.82
C CYS A 33 5.59 3.77 2.28
N SER A 34 5.87 4.71 1.38
CA SER A 34 6.73 5.85 1.69
C SER A 34 6.42 7.04 0.79
N THR A 35 7.06 8.16 1.06
CA THR A 35 6.85 9.38 0.28
C THR A 35 7.91 9.53 -0.81
N ARG A 36 8.92 8.67 -0.78
CA ARG A 36 9.99 8.70 -1.76
C ARG A 36 9.52 8.15 -3.10
N GLY A 37 8.80 7.03 -3.06
CA GLY A 37 8.30 6.42 -4.27
C GLY A 37 8.05 4.94 -4.12
N ARG A 38 7.37 4.57 -3.04
CA ARG A 38 7.06 3.16 -2.76
C ARG A 38 5.56 2.97 -2.55
N LYS A 39 5.13 1.71 -2.47
CA LYS A 39 3.73 1.39 -2.27
C LYS A 39 3.57 0.07 -1.52
N CYS A 40 2.36 -0.16 -0.99
CA CYS A 40 2.07 -1.38 -0.26
C CYS A 40 1.14 -2.29 -1.06
N CYS A 41 1.55 -3.54 -1.24
CA CYS A 41 0.75 -4.49 -2.00
C CYS A 41 0.30 -5.68 -1.14
N ARG A 42 -0.95 -6.07 -1.31
CA ARG A 42 -1.54 -7.18 -0.57
C ARG A 42 -1.94 -8.30 -1.54
N ARG A 43 -1.33 -9.46 -1.37
CA ARG A 43 -1.62 -10.61 -2.24
C ARG A 43 -3.10 -10.89 -2.31
N LYS A 44 -3.58 -11.25 -3.50
CA LYS A 44 -4.99 -11.55 -3.72
C LYS A 44 -5.49 -12.59 -2.72
N LYS A 45 -6.49 -12.20 -1.93
CA LYS A 45 -7.07 -13.10 -0.94
C LYS A 45 -7.74 -14.29 -1.60
N GLY A 1 6.17 -20.51 -9.56
CA GLY A 1 6.56 -19.56 -8.49
C GLY A 1 5.64 -18.37 -8.40
N ILE A 2 5.57 -17.74 -7.23
CA ILE A 2 4.72 -16.58 -7.02
C ILE A 2 5.09 -15.85 -5.74
N ILE A 3 4.49 -14.68 -5.54
CA ILE A 3 4.76 -13.88 -4.35
C ILE A 3 4.16 -14.52 -3.11
N ASN A 4 4.94 -14.56 -2.02
CA ASN A 4 4.48 -15.15 -0.77
C ASN A 4 3.29 -14.37 -0.22
N THR A 5 3.30 -13.06 -0.42
CA THR A 5 2.21 -12.21 0.05
C THR A 5 1.29 -11.82 -1.09
N LEU A 6 0.24 -11.06 -0.78
CA LEU A 6 -0.72 -10.63 -1.79
C LEU A 6 -0.62 -9.13 -2.03
N GLN A 7 0.60 -8.61 -2.00
CA GLN A 7 0.84 -7.19 -2.23
C GLN A 7 0.45 -6.78 -3.65
N LYS A 8 0.04 -7.77 -4.44
CA LYS A 8 -0.35 -7.52 -5.82
C LYS A 8 -1.78 -6.99 -5.89
N TYR A 9 -2.49 -7.13 -4.77
CA TYR A 9 -3.87 -6.65 -4.68
C TYR A 9 -4.23 -6.38 -3.22
N TYR A 10 -3.22 -6.29 -2.36
CA TYR A 10 -3.43 -6.01 -0.96
C TYR A 10 -4.02 -4.61 -0.80
N CYS A 11 -3.63 -3.73 -1.73
CA CYS A 11 -4.12 -2.36 -1.74
C CYS A 11 -5.36 -2.27 -2.60
N ARG A 12 -5.94 -3.43 -2.90
CA ARG A 12 -7.14 -3.51 -3.73
C ARG A 12 -8.34 -3.94 -2.89
N VAL A 13 -8.07 -4.70 -1.83
CA VAL A 13 -9.12 -5.18 -0.94
C VAL A 13 -9.48 -4.14 0.12
N ARG A 14 -8.52 -3.29 0.47
CA ARG A 14 -8.74 -2.26 1.47
C ARG A 14 -7.76 -1.11 1.26
N GLY A 15 -7.09 -1.12 0.12
CA GLY A 15 -6.12 -0.08 -0.17
C GLY A 15 -6.76 1.25 -0.50
N GLY A 16 -6.10 2.33 -0.12
CA GLY A 16 -6.61 3.65 -0.38
C GLY A 16 -5.92 4.33 -1.56
N ARG A 17 -4.70 4.80 -1.33
CA ARG A 17 -3.93 5.47 -2.37
C ARG A 17 -2.50 4.95 -2.42
N CYS A 18 -1.66 5.62 -3.21
CA CYS A 18 -0.27 5.22 -3.36
C CYS A 18 0.66 6.43 -3.24
N ALA A 19 1.82 6.22 -2.62
CA ALA A 19 2.80 7.28 -2.45
C ALA A 19 3.94 7.16 -3.45
N VAL A 20 4.74 8.21 -3.56
CA VAL A 20 5.86 8.23 -4.50
C VAL A 20 7.10 7.56 -3.89
N LEU A 21 7.40 7.91 -2.65
CA LEU A 21 8.55 7.34 -1.96
C LEU A 21 8.15 6.75 -0.60
N SER A 22 7.61 7.60 0.26
CA SER A 22 7.18 7.16 1.58
C SER A 22 5.70 7.44 1.78
N CYS A 23 5.07 6.67 2.67
CA CYS A 23 3.65 6.82 2.96
C CYS A 23 3.33 8.27 3.33
N LEU A 24 2.04 8.60 3.34
CA LEU A 24 1.62 9.95 3.67
C LEU A 24 1.35 10.07 5.18
N PRO A 25 1.59 11.27 5.75
CA PRO A 25 1.39 11.51 7.19
C PRO A 25 -0.08 11.53 7.60
N LYS A 26 -0.94 10.91 6.79
CA LYS A 26 -2.37 10.86 7.07
C LYS A 26 -2.97 9.52 6.66
N GLU A 27 -2.13 8.51 6.51
CA GLU A 27 -2.59 7.18 6.11
C GLU A 27 -1.67 6.08 6.62
N GLU A 28 -2.20 4.86 6.69
CA GLU A 28 -1.43 3.70 7.13
C GLU A 28 -1.09 2.81 5.93
N GLN A 29 0.01 2.06 6.03
CA GLN A 29 0.42 1.20 4.94
C GLN A 29 -0.22 -0.17 5.03
N ILE A 30 -0.66 -0.68 3.87
CA ILE A 30 -1.31 -1.99 3.79
C ILE A 30 -0.58 -2.89 2.81
N GLY A 31 0.16 -2.28 1.88
CA GLY A 31 0.89 -3.04 0.89
C GLY A 31 1.99 -2.24 0.22
N LYS A 32 2.45 -2.73 -0.93
CA LYS A 32 3.51 -2.06 -1.68
C LYS A 32 3.05 -1.78 -3.11
N CYS A 33 2.79 -0.51 -3.42
CA CYS A 33 2.36 -0.11 -4.75
C CYS A 33 3.40 -0.48 -5.80
N SER A 34 4.64 -0.63 -5.37
CA SER A 34 5.73 -0.99 -6.27
C SER A 34 6.68 -1.99 -5.63
N THR A 35 7.54 -2.59 -6.44
CA THR A 35 8.50 -3.58 -5.94
C THR A 35 9.42 -2.97 -4.89
N ARG A 36 9.84 -1.73 -5.12
CA ARG A 36 10.72 -1.03 -4.19
C ARG A 36 10.80 0.45 -4.54
N GLY A 37 10.10 1.27 -3.76
CA GLY A 37 10.10 2.70 -3.99
C GLY A 37 8.79 3.36 -3.57
N ARG A 38 7.70 2.64 -3.73
CA ARG A 38 6.37 3.16 -3.37
C ARG A 38 5.68 2.22 -2.38
N LYS A 39 4.54 2.66 -1.86
CA LYS A 39 3.78 1.87 -0.90
C LYS A 39 2.29 2.19 -1.00
N CYS A 40 1.48 1.42 -0.27
CA CYS A 40 0.03 1.63 -0.28
C CYS A 40 -0.45 2.18 1.06
N CYS A 41 -0.92 3.41 1.05
CA CYS A 41 -1.41 4.04 2.27
C CYS A 41 -2.88 4.45 2.13
N ARG A 42 -3.68 4.08 3.13
CA ARG A 42 -5.10 4.42 3.14
C ARG A 42 -5.40 5.43 4.25
N ARG A 43 -6.09 6.50 3.88
CA ARG A 43 -6.45 7.56 4.84
C ARG A 43 -7.10 6.97 6.09
N LYS A 44 -6.68 7.48 7.25
CA LYS A 44 -7.22 7.02 8.52
C LYS A 44 -7.95 8.14 9.24
N LYS A 45 -9.15 7.85 9.74
CA LYS A 45 -9.95 8.84 10.45
C LYS A 45 -9.40 9.06 11.85
N GLY A 1 -4.63 -16.82 6.91
CA GLY A 1 -5.70 -15.91 6.43
C GLY A 1 -5.18 -14.89 5.44
N ILE A 2 -4.67 -13.78 5.97
CA ILE A 2 -4.12 -12.71 5.12
C ILE A 2 -2.81 -13.14 4.49
N ILE A 3 -2.66 -12.84 3.20
CA ILE A 3 -1.44 -13.20 2.48
C ILE A 3 -0.58 -11.97 2.23
N ASN A 4 0.74 -12.15 2.25
CA ASN A 4 1.67 -11.05 2.03
C ASN A 4 2.89 -11.51 1.24
N THR A 5 2.67 -11.98 0.02
CA THR A 5 3.75 -12.45 -0.83
C THR A 5 3.65 -11.87 -2.24
N LEU A 6 2.46 -11.41 -2.59
CA LEU A 6 2.23 -10.82 -3.91
C LEU A 6 2.32 -9.30 -3.85
N GLN A 7 3.22 -8.79 -3.02
CA GLN A 7 3.41 -7.35 -2.89
C GLN A 7 3.93 -6.75 -4.19
N LYS A 8 4.14 -7.60 -5.19
CA LYS A 8 4.64 -7.16 -6.47
C LYS A 8 3.51 -6.60 -7.33
N TYR A 9 2.28 -6.89 -6.92
CA TYR A 9 1.10 -6.41 -7.64
C TYR A 9 -0.11 -6.32 -6.72
N TYR A 10 0.14 -6.33 -5.41
CA TYR A 10 -0.93 -6.24 -4.44
C TYR A 10 -1.59 -4.87 -4.53
N CYS A 11 -0.82 -3.88 -4.96
CA CYS A 11 -1.31 -2.52 -5.13
C CYS A 11 -1.91 -2.36 -6.53
N ARG A 12 -2.03 -3.47 -7.23
CA ARG A 12 -2.59 -3.47 -8.57
C ARG A 12 -4.02 -4.00 -8.55
N VAL A 13 -4.31 -4.85 -7.57
CA VAL A 13 -5.64 -5.42 -7.42
C VAL A 13 -6.49 -4.61 -6.45
N ARG A 14 -5.84 -3.99 -5.47
CA ARG A 14 -6.54 -3.18 -4.48
C ARG A 14 -5.70 -1.98 -4.07
N GLY A 15 -4.83 -1.53 -4.97
CA GLY A 15 -3.98 -0.39 -4.67
C GLY A 15 -4.75 0.92 -4.64
N GLY A 16 -4.92 1.48 -3.46
CA GLY A 16 -5.64 2.73 -3.32
C GLY A 16 -4.83 3.91 -3.81
N ARG A 17 -3.95 4.42 -2.95
CA ARG A 17 -3.10 5.55 -3.31
C ARG A 17 -1.63 5.26 -2.98
N CYS A 18 -0.75 6.16 -3.37
CA CYS A 18 0.68 6.01 -3.12
C CYS A 18 1.27 7.27 -2.51
N ALA A 19 2.21 7.09 -1.59
CA ALA A 19 2.86 8.22 -0.93
C ALA A 19 4.24 8.47 -1.53
N VAL A 20 4.74 9.69 -1.35
CA VAL A 20 6.04 10.06 -1.88
C VAL A 20 7.18 9.64 -0.95
N LEU A 21 7.02 9.94 0.33
CA LEU A 21 8.04 9.59 1.32
C LEU A 21 7.53 8.52 2.27
N SER A 22 6.39 8.79 2.91
CA SER A 22 5.80 7.86 3.86
C SER A 22 4.27 7.87 3.75
N CYS A 23 3.66 6.73 4.05
CA CYS A 23 2.21 6.60 3.99
C CYS A 23 1.53 7.65 4.86
N LEU A 24 0.23 7.86 4.64
CA LEU A 24 -0.51 8.84 5.41
C LEU A 24 -1.19 8.19 6.61
N PRO A 25 -1.21 8.89 7.76
CA PRO A 25 -1.83 8.37 8.99
C PRO A 25 -3.32 8.08 8.83
N LYS A 26 -3.91 8.63 7.77
CA LYS A 26 -5.33 8.43 7.51
C LYS A 26 -5.55 7.23 6.59
N GLU A 27 -4.47 6.50 6.32
CA GLU A 27 -4.55 5.32 5.46
C GLU A 27 -3.50 4.28 5.86
N GLU A 28 -3.86 3.01 5.75
CA GLU A 28 -2.95 1.91 6.10
C GLU A 28 -2.22 1.43 4.85
N GLN A 29 -1.08 0.80 5.04
CA GLN A 29 -0.30 0.30 3.91
C GLN A 29 -0.70 -1.13 3.56
N ILE A 30 -0.76 -1.41 2.26
CA ILE A 30 -1.13 -2.73 1.78
C ILE A 30 -0.01 -3.34 0.94
N GLY A 31 0.85 -2.49 0.41
CA GLY A 31 1.95 -2.98 -0.41
C GLY A 31 3.01 -1.92 -0.66
N LYS A 32 3.80 -2.12 -1.71
CA LYS A 32 4.85 -1.18 -2.06
C LYS A 32 4.63 -0.63 -3.47
N CYS A 33 4.38 0.68 -3.55
CA CYS A 33 4.15 1.33 -4.84
C CYS A 33 5.43 1.34 -5.67
N SER A 34 6.54 0.98 -5.06
CA SER A 34 7.83 0.95 -5.73
C SER A 34 8.84 0.11 -4.95
N THR A 35 9.47 0.74 -3.96
CA THR A 35 10.46 0.06 -3.13
C THR A 35 10.22 0.35 -1.66
N ARG A 36 11.25 0.16 -0.84
CA ARG A 36 11.14 0.39 0.60
C ARG A 36 10.81 1.86 0.89
N GLY A 37 11.09 2.72 -0.08
CA GLY A 37 10.82 4.14 0.09
C GLY A 37 9.33 4.47 0.10
N ARG A 38 8.69 4.32 -1.05
CA ARG A 38 7.27 4.60 -1.17
C ARG A 38 6.43 3.36 -0.88
N LYS A 39 5.16 3.56 -0.61
CA LYS A 39 4.24 2.45 -0.31
C LYS A 39 2.82 2.79 -0.74
N CYS A 40 1.92 1.83 -0.59
CA CYS A 40 0.52 2.02 -0.96
C CYS A 40 -0.36 2.11 0.26
N CYS A 41 -1.07 3.23 0.40
CA CYS A 41 -1.96 3.45 1.53
C CYS A 41 -3.41 3.56 1.08
N ARG A 42 -4.32 2.98 1.88
CA ARG A 42 -5.74 3.02 1.57
C ARG A 42 -6.50 3.69 2.71
N ARG A 43 -7.27 4.72 2.36
CA ARG A 43 -8.05 5.46 3.36
C ARG A 43 -8.94 4.53 4.17
N LYS A 44 -8.92 4.72 5.49
CA LYS A 44 -9.72 3.90 6.39
C LYS A 44 -10.39 4.76 7.45
N LYS A 45 -11.52 4.28 7.98
CA LYS A 45 -12.26 5.02 9.00
C LYS A 45 -12.48 4.15 10.24
N GLY A 1 1.24 -18.24 -12.56
CA GLY A 1 2.40 -19.00 -13.09
C GLY A 1 3.67 -18.18 -13.08
N ILE A 2 3.53 -16.87 -12.91
CA ILE A 2 4.69 -15.98 -12.88
C ILE A 2 4.43 -14.78 -11.97
N ILE A 3 5.48 -14.33 -11.28
CA ILE A 3 5.37 -13.20 -10.37
C ILE A 3 5.60 -11.87 -11.11
N ASN A 4 4.61 -10.98 -11.03
CA ASN A 4 4.69 -9.69 -11.69
C ASN A 4 4.51 -8.56 -10.67
N THR A 5 3.88 -8.87 -9.55
CA THR A 5 3.64 -7.90 -8.49
C THR A 5 3.91 -8.49 -7.13
N LEU A 6 4.40 -7.67 -6.21
CA LEU A 6 4.71 -8.12 -4.85
C LEU A 6 3.71 -7.58 -3.85
N GLN A 7 2.44 -7.55 -4.24
CA GLN A 7 1.37 -7.06 -3.38
C GLN A 7 1.23 -7.94 -2.14
N LYS A 8 2.00 -9.01 -2.08
CA LYS A 8 1.95 -9.94 -0.95
C LYS A 8 2.81 -9.43 0.20
N TYR A 9 3.70 -8.48 -0.10
CA TYR A 9 4.56 -7.89 0.91
C TYR A 9 5.04 -6.51 0.49
N TYR A 10 4.19 -5.79 -0.24
CA TYR A 10 4.52 -4.45 -0.71
C TYR A 10 4.51 -3.46 0.45
N CYS A 11 3.57 -3.65 1.37
CA CYS A 11 3.44 -2.77 2.53
C CYS A 11 4.46 -3.18 3.61
N ARG A 12 5.45 -3.97 3.21
CA ARG A 12 6.48 -4.42 4.12
C ARG A 12 7.84 -3.85 3.73
N VAL A 13 8.09 -3.77 2.43
CA VAL A 13 9.34 -3.25 1.91
C VAL A 13 9.33 -1.72 1.87
N ARG A 14 8.14 -1.15 1.69
CA ARG A 14 7.99 0.29 1.63
C ARG A 14 6.67 0.73 2.27
N GLY A 15 6.11 -0.15 3.11
CA GLY A 15 4.86 0.16 3.77
C GLY A 15 4.96 1.37 4.68
N GLY A 16 4.08 2.34 4.48
CA GLY A 16 4.10 3.54 5.29
C GLY A 16 2.97 3.56 6.32
N ARG A 17 1.77 3.91 5.87
CA ARG A 17 0.61 3.96 6.76
C ARG A 17 -0.59 3.27 6.14
N CYS A 18 -1.68 3.19 6.90
CA CYS A 18 -2.90 2.55 6.43
C CYS A 18 -4.10 3.48 6.63
N ALA A 19 -5.04 3.42 5.70
CA ALA A 19 -6.24 4.24 5.76
C ALA A 19 -7.44 3.45 6.28
N VAL A 20 -8.57 4.14 6.45
CA VAL A 20 -9.79 3.50 6.95
C VAL A 20 -10.58 2.84 5.82
N LEU A 21 -10.80 3.60 4.75
CA LEU A 21 -11.54 3.10 3.59
C LEU A 21 -10.79 3.38 2.30
N SER A 22 -10.41 4.63 2.11
CA SER A 22 -9.67 5.03 0.91
C SER A 22 -8.34 5.67 1.27
N CYS A 23 -7.38 5.59 0.36
CA CYS A 23 -6.06 6.17 0.57
C CYS A 23 -6.14 7.64 0.96
N LEU A 24 -5.02 8.20 1.40
CA LEU A 24 -4.98 9.61 1.79
C LEU A 24 -4.65 10.49 0.58
N PRO A 25 -5.11 11.76 0.59
CA PRO A 25 -4.87 12.69 -0.52
C PRO A 25 -3.43 13.21 -0.57
N LYS A 26 -2.51 12.44 0.01
CA LYS A 26 -1.10 12.83 0.02
C LYS A 26 -0.19 11.60 -0.05
N GLU A 27 -0.74 10.49 -0.56
CA GLU A 27 0.03 9.26 -0.67
C GLU A 27 -0.55 8.32 -1.73
N GLU A 28 0.26 7.35 -2.15
CA GLU A 28 -0.16 6.37 -3.15
C GLU A 28 -0.30 4.99 -2.49
N GLN A 29 -1.06 4.11 -3.10
CA GLN A 29 -1.26 2.77 -2.54
C GLN A 29 -0.18 1.80 -3.01
N ILE A 30 0.27 0.94 -2.10
CA ILE A 30 1.29 -0.05 -2.39
C ILE A 30 0.73 -1.46 -2.26
N GLY A 31 -0.31 -1.61 -1.43
CA GLY A 31 -0.92 -2.90 -1.22
C GLY A 31 -1.91 -2.89 -0.07
N LYS A 32 -2.82 -3.87 -0.08
CA LYS A 32 -3.82 -3.97 0.98
C LYS A 32 -3.16 -4.07 2.35
N CYS A 33 -3.65 -3.27 3.29
CA CYS A 33 -3.09 -3.26 4.63
C CYS A 33 -3.68 -4.39 5.49
N SER A 34 -4.98 -4.63 5.34
CA SER A 34 -5.65 -5.68 6.09
C SER A 34 -6.62 -6.46 5.22
N THR A 35 -7.86 -5.97 5.12
CA THR A 35 -8.87 -6.62 4.31
C THR A 35 -9.18 -5.82 3.05
N ARG A 36 -10.33 -6.09 2.45
CA ARG A 36 -10.74 -5.39 1.23
C ARG A 36 -11.36 -4.04 1.55
N GLY A 37 -11.10 -3.55 2.77
CA GLY A 37 -11.64 -2.27 3.19
C GLY A 37 -10.57 -1.22 3.39
N ARG A 38 -9.42 -1.65 3.88
CA ARG A 38 -8.30 -0.74 4.12
C ARG A 38 -7.16 -1.00 3.14
N LYS A 39 -6.22 -0.06 3.06
CA LYS A 39 -5.09 -0.19 2.15
C LYS A 39 -3.85 0.51 2.72
N CYS A 40 -2.72 0.35 2.05
CA CYS A 40 -1.46 0.96 2.49
C CYS A 40 -1.07 2.11 1.58
N CYS A 41 -0.95 3.31 2.15
CA CYS A 41 -0.56 4.48 1.38
C CYS A 41 0.77 5.06 1.87
N ARG A 42 1.63 5.39 0.92
CA ARG A 42 2.95 5.93 1.23
C ARG A 42 3.02 7.41 0.82
N ARG A 43 3.20 8.29 1.80
CA ARG A 43 3.27 9.72 1.55
C ARG A 43 4.23 10.04 0.39
N LYS A 44 3.88 11.06 -0.38
CA LYS A 44 4.70 11.46 -1.52
C LYS A 44 6.01 12.10 -1.05
N LYS A 45 7.12 11.48 -1.43
CA LYS A 45 8.43 11.99 -1.05
C LYS A 45 9.38 12.01 -2.26
N GLY A 1 9.79 -18.80 -5.29
CA GLY A 1 9.25 -20.17 -5.08
C GLY A 1 7.76 -20.17 -4.81
N ILE A 2 7.39 -20.52 -3.58
CA ILE A 2 5.99 -20.57 -3.18
C ILE A 2 5.46 -19.17 -2.89
N ILE A 3 4.38 -18.80 -3.57
CA ILE A 3 3.77 -17.49 -3.39
C ILE A 3 2.97 -17.42 -2.08
N ASN A 4 2.74 -16.21 -1.60
CA ASN A 4 1.99 -16.00 -0.37
C ASN A 4 0.92 -14.93 -0.56
N THR A 5 1.36 -13.70 -0.79
CA THR A 5 0.44 -12.58 -0.98
C THR A 5 0.66 -11.93 -2.34
N LEU A 6 -0.05 -10.83 -2.58
CA LEU A 6 0.06 -10.12 -3.85
C LEU A 6 0.55 -8.68 -3.62
N GLN A 7 1.54 -8.53 -2.76
CA GLN A 7 2.09 -7.21 -2.45
C GLN A 7 2.81 -6.62 -3.67
N LYS A 8 2.86 -7.40 -4.76
CA LYS A 8 3.52 -6.95 -5.97
C LYS A 8 2.57 -6.11 -6.83
N TYR A 9 1.29 -6.13 -6.51
CA TYR A 9 0.29 -5.37 -7.26
C TYR A 9 -0.93 -5.06 -6.40
N TYR A 10 -0.76 -5.10 -5.08
CA TYR A 10 -1.86 -4.82 -4.17
C TYR A 10 -2.39 -3.41 -4.39
N CYS A 11 -1.49 -2.44 -4.42
CA CYS A 11 -1.87 -1.05 -4.64
C CYS A 11 -2.06 -0.79 -6.14
N ARG A 12 -1.92 -1.84 -6.93
CA ARG A 12 -2.08 -1.74 -8.38
C ARG A 12 -3.50 -2.07 -8.79
N VAL A 13 -4.13 -3.00 -8.07
CA VAL A 13 -5.49 -3.41 -8.36
C VAL A 13 -6.49 -2.33 -7.94
N ARG A 14 -6.15 -1.61 -6.87
CA ARG A 14 -7.01 -0.55 -6.35
C ARG A 14 -6.23 0.38 -5.44
N GLY A 15 -5.71 -0.15 -4.34
CA GLY A 15 -4.95 0.65 -3.41
C GLY A 15 -5.73 1.84 -2.89
N GLY A 16 -5.08 2.99 -2.82
CA GLY A 16 -5.73 4.20 -2.34
C GLY A 16 -4.90 5.44 -2.61
N ARG A 17 -4.22 5.92 -1.58
CA ARG A 17 -3.39 7.12 -1.71
C ARG A 17 -1.92 6.78 -1.47
N CYS A 18 -1.03 7.53 -2.10
CA CYS A 18 0.40 7.30 -1.96
C CYS A 18 1.06 8.39 -1.12
N ALA A 19 1.95 7.99 -0.23
CA ALA A 19 2.65 8.94 0.63
C ALA A 19 4.03 9.27 0.08
N VAL A 20 4.54 10.45 0.41
CA VAL A 20 5.86 10.88 -0.08
C VAL A 20 6.97 10.31 0.79
N LEU A 21 6.70 10.16 2.08
CA LEU A 21 7.68 9.63 3.02
C LEU A 21 7.09 8.48 3.83
N SER A 22 6.06 8.79 4.61
CA SER A 22 5.39 7.80 5.43
C SER A 22 3.88 7.84 5.23
N CYS A 23 3.23 6.69 5.31
CA CYS A 23 1.79 6.61 5.12
C CYS A 23 1.06 7.54 6.09
N LEU A 24 -0.26 7.64 5.92
CA LEU A 24 -1.06 8.50 6.79
C LEU A 24 -1.60 7.71 7.98
N PRO A 25 -1.72 8.36 9.15
CA PRO A 25 -2.22 7.72 10.38
C PRO A 25 -3.69 7.31 10.27
N LYS A 26 -4.38 7.85 9.27
CA LYS A 26 -5.79 7.54 9.07
C LYS A 26 -5.97 6.40 8.08
N GLU A 27 -4.86 5.89 7.54
CA GLU A 27 -4.91 4.80 6.58
C GLU A 27 -3.81 3.77 6.84
N GLU A 28 -4.13 2.51 6.57
CA GLU A 28 -3.19 1.42 6.77
C GLU A 28 -2.41 1.16 5.47
N GLN A 29 -1.23 0.55 5.58
CA GLN A 29 -0.42 0.27 4.41
C GLN A 29 -0.77 -1.09 3.83
N ILE A 30 -0.93 -1.14 2.50
CA ILE A 30 -1.28 -2.36 1.81
C ILE A 30 -0.20 -2.78 0.82
N GLY A 31 0.65 -1.82 0.43
CA GLY A 31 1.70 -2.11 -0.52
C GLY A 31 2.71 -0.99 -0.65
N LYS A 32 3.47 -1.02 -1.74
CA LYS A 32 4.48 0.00 -1.99
C LYS A 32 4.13 0.79 -3.24
N CYS A 33 3.45 1.92 -3.05
CA CYS A 33 3.04 2.77 -4.15
C CYS A 33 4.19 3.02 -5.12
N SER A 34 5.41 3.12 -4.58
CA SER A 34 6.59 3.36 -5.41
C SER A 34 7.63 2.26 -5.18
N THR A 35 8.83 2.47 -5.71
CA THR A 35 9.91 1.50 -5.56
C THR A 35 10.33 1.35 -4.10
N ARG A 36 11.07 2.34 -3.59
CA ARG A 36 11.53 2.31 -2.22
C ARG A 36 11.36 3.68 -1.55
N GLY A 37 10.78 3.69 -0.36
CA GLY A 37 10.56 4.93 0.34
C GLY A 37 9.09 5.22 0.58
N ARG A 38 8.32 5.30 -0.50
CA ARG A 38 6.89 5.56 -0.40
C ARG A 38 6.11 4.28 -0.15
N LYS A 39 4.82 4.42 0.15
CA LYS A 39 3.96 3.28 0.41
C LYS A 39 2.51 3.58 0.03
N CYS A 40 1.67 2.56 0.11
CA CYS A 40 0.25 2.71 -0.23
C CYS A 40 -0.61 2.66 1.02
N CYS A 41 -1.44 3.69 1.20
CA CYS A 41 -2.32 3.77 2.36
C CYS A 41 -3.79 3.67 1.95
N ARG A 42 -4.57 3.00 2.79
CA ARG A 42 -5.98 2.82 2.53
C ARG A 42 -6.80 3.24 3.76
N ARG A 43 -7.71 4.19 3.57
CA ARG A 43 -8.55 4.68 4.66
C ARG A 43 -9.16 3.53 5.45
N LYS A 44 -9.00 3.58 6.77
CA LYS A 44 -9.53 2.54 7.65
C LYS A 44 -11.05 2.50 7.58
N LYS A 45 -11.61 1.42 8.12
CA LYS A 45 -13.07 1.24 8.13
C LYS A 45 -13.62 1.33 9.56
N GLY A 1 -0.98 20.73 4.51
CA GLY A 1 -0.41 19.72 3.58
C GLY A 1 0.16 18.51 4.31
N ILE A 2 1.27 18.70 4.99
CA ILE A 2 1.91 17.62 5.75
C ILE A 2 1.05 17.17 6.92
N ILE A 3 0.21 16.18 6.68
CA ILE A 3 -0.67 15.66 7.72
C ILE A 3 -0.10 14.39 8.34
N ASN A 4 -0.85 13.80 9.26
CA ASN A 4 -0.41 12.57 9.93
C ASN A 4 -0.36 11.40 8.97
N THR A 5 -0.16 10.20 9.50
CA THR A 5 -0.08 8.99 8.69
C THR A 5 -1.37 8.78 7.91
N LEU A 6 -1.29 8.93 6.59
CA LEU A 6 -2.45 8.75 5.72
C LEU A 6 -2.52 7.32 5.19
N GLN A 7 -2.58 6.35 6.10
CA GLN A 7 -2.66 4.94 5.72
C GLN A 7 -3.98 4.65 5.01
N LYS A 8 -4.88 5.63 5.01
CA LYS A 8 -6.18 5.47 4.36
C LYS A 8 -6.07 5.72 2.86
N TYR A 9 -5.00 6.39 2.46
CA TYR A 9 -4.77 6.69 1.05
C TYR A 9 -3.28 6.89 0.78
N TYR A 10 -2.44 6.18 1.53
CA TYR A 10 -1.00 6.27 1.37
C TYR A 10 -0.58 5.71 0.01
N CYS A 11 -1.13 4.55 -0.33
CA CYS A 11 -0.81 3.90 -1.60
C CYS A 11 -1.69 4.47 -2.70
N ARG A 12 -2.34 5.58 -2.41
CA ARG A 12 -3.22 6.25 -3.38
C ARG A 12 -2.57 7.52 -3.90
N VAL A 13 -1.71 8.13 -3.08
CA VAL A 13 -1.04 9.36 -3.46
C VAL A 13 0.24 9.08 -4.24
N ARG A 14 0.76 7.87 -4.09
CA ARG A 14 1.99 7.47 -4.78
C ARG A 14 2.27 5.98 -4.58
N GLY A 15 1.20 5.20 -4.49
CA GLY A 15 1.34 3.77 -4.29
C GLY A 15 1.84 3.05 -5.53
N GLY A 16 1.47 1.78 -5.66
CA GLY A 16 1.89 0.99 -6.80
C GLY A 16 0.81 0.04 -7.28
N ARG A 17 0.80 -1.16 -6.73
CA ARG A 17 -0.19 -2.17 -7.11
C ARG A 17 -0.87 -2.75 -5.87
N CYS A 18 -2.01 -3.40 -6.08
CA CYS A 18 -2.76 -4.01 -4.99
C CYS A 18 -2.84 -5.51 -5.15
N ALA A 19 -2.70 -6.24 -4.05
CA ALA A 19 -2.77 -7.70 -4.08
C ALA A 19 -4.13 -8.18 -3.63
N VAL A 20 -4.39 -9.48 -3.85
CA VAL A 20 -5.67 -10.07 -3.47
C VAL A 20 -5.71 -10.45 -1.99
N LEU A 21 -4.62 -11.06 -1.53
CA LEU A 21 -4.53 -11.47 -0.13
C LEU A 21 -3.26 -10.92 0.52
N SER A 22 -2.13 -11.56 0.24
CA SER A 22 -0.85 -11.12 0.79
C SER A 22 -0.05 -10.36 -0.25
N CYS A 23 0.89 -9.54 0.21
CA CYS A 23 1.72 -8.74 -0.69
C CYS A 23 2.47 -9.63 -1.69
N LEU A 24 3.10 -9.00 -2.67
CA LEU A 24 3.85 -9.74 -3.69
C LEU A 24 5.28 -9.98 -3.22
N PRO A 25 5.89 -11.10 -3.65
CA PRO A 25 7.26 -11.46 -3.26
C PRO A 25 8.32 -10.58 -3.91
N LYS A 26 7.94 -9.37 -4.31
CA LYS A 26 8.88 -8.44 -4.94
C LYS A 26 8.54 -6.99 -4.59
N GLU A 27 7.72 -6.82 -3.56
CA GLU A 27 7.33 -5.47 -3.14
C GLU A 27 7.00 -5.41 -1.66
N GLU A 28 7.01 -4.19 -1.12
CA GLU A 28 6.70 -3.96 0.28
C GLU A 28 5.32 -3.32 0.41
N GLN A 29 4.72 -3.40 1.59
CA GLN A 29 3.40 -2.83 1.81
C GLN A 29 3.50 -1.37 2.22
N ILE A 30 2.66 -0.54 1.60
CA ILE A 30 2.64 0.89 1.88
C ILE A 30 1.28 1.34 2.40
N GLY A 31 0.25 0.56 2.09
CA GLY A 31 -1.09 0.91 2.53
C GLY A 31 -2.08 -0.23 2.38
N LYS A 32 -3.36 0.09 2.41
CA LYS A 32 -4.41 -0.90 2.28
C LYS A 32 -5.38 -0.51 1.17
N CYS A 33 -5.29 -1.22 0.04
CA CYS A 33 -6.16 -0.96 -1.10
C CYS A 33 -7.63 -1.07 -0.71
N SER A 34 -7.90 -1.83 0.35
CA SER A 34 -9.26 -2.02 0.84
C SER A 34 -9.35 -1.65 2.32
N THR A 35 -10.56 -1.71 2.87
CA THR A 35 -10.78 -1.38 4.27
C THR A 35 -10.10 -2.40 5.18
N ARG A 36 -10.25 -3.68 4.85
CA ARG A 36 -9.65 -4.75 5.63
C ARG A 36 -9.66 -6.06 4.86
N GLY A 37 -8.49 -6.49 4.41
CA GLY A 37 -8.38 -7.72 3.65
C GLY A 37 -7.24 -7.69 2.66
N ARG A 38 -7.24 -6.68 1.79
CA ARG A 38 -6.19 -6.53 0.79
C ARG A 38 -5.13 -5.54 1.28
N LYS A 39 -4.08 -5.36 0.48
CA LYS A 39 -3.00 -4.44 0.83
C LYS A 39 -2.36 -3.85 -0.42
N CYS A 40 -1.51 -2.85 -0.22
CA CYS A 40 -0.83 -2.19 -1.33
C CYS A 40 0.67 -2.47 -1.29
N CYS A 41 1.20 -3.00 -2.38
CA CYS A 41 2.63 -3.32 -2.45
C CYS A 41 3.32 -2.60 -3.59
N ARG A 42 4.42 -1.92 -3.27
CA ARG A 42 5.21 -1.20 -4.25
C ARG A 42 6.56 -1.89 -4.43
N ARG A 43 6.94 -2.12 -5.69
CA ARG A 43 8.20 -2.78 -5.99
C ARG A 43 9.35 -2.23 -5.14
N LYS A 44 9.97 -3.11 -4.36
CA LYS A 44 11.08 -2.72 -3.49
C LYS A 44 12.40 -2.81 -4.25
N LYS A 45 13.44 -2.25 -3.66
CA LYS A 45 14.77 -2.25 -4.28
C LYS A 45 15.63 -3.36 -3.69
#